data_4L92
#
_entry.id   4L92
#
_cell.length_a   165.640
_cell.length_b   165.640
_cell.length_c   165.640
_cell.angle_alpha   90.00
_cell.angle_beta   90.00
_cell.angle_gamma   90.00
#
_symmetry.space_group_name_H-M   'P 21 3'
#
loop_
_entity.id
_entity.type
_entity.pdbx_description
1 polymer 'Receptor Binding Protein'
2 non-polymer 2-acetamido-2-deoxy-alpha-D-glucopyranose
3 non-polymer 2-acetamido-2-deoxy-beta-D-glucopyranose
4 non-polymer 'ZINC ION'
5 water water
#
_entity_poly.entity_id   1
_entity_poly.type   'polypeptide(L)'
_entity_poly.pdbx_seq_one_letter_code
;GVLKGINFDRSIVTPENEASILDLAMQNRSGVLDGMTIDILNTTSNQLALFHGTAVLQGYGIEITRAANGAPDVLVDTTG
QSNETMLLCLTIDLNQVNVPSGTVGTNTYAVDYKQIRLEFLDVPTLLKQYWRDHSLHDLIDPRRVISMPLYWITFGQTGT
TPLYEQIKSNYIDGGNSGNPAYGIAARCENFNHFINKVAVQSIPINGVANRPVSSTASQLTNYKVWRNPYLCSQDPRDKF
APDNLVIEEDGIYRIDISGSINIANYTFPASGNSWRVGGRYFQIVCARNSSANNLAEFGAEQHLPPSGVWTRRVLVGEYT
AGMTEQAFSSVATISLFKGDNFFLQFETGTNTSRDSAYNNGYGTSGTHLRNFSYTLERVGDLNGTAYYDNGTF
;
_entity_poly.pdbx_strand_id   A,B
#
loop_
_chem_comp.id
_chem_comp.type
_chem_comp.name
_chem_comp.formula
NAG D-saccharide, beta linking 2-acetamido-2-deoxy-beta-D-glucopyranose 'C8 H15 N O6'
NDG D-saccharide, alpha linking 2-acetamido-2-deoxy-alpha-D-glucopyranose 'C8 H15 N O6'
ZN non-polymer 'ZINC ION' 'Zn 2'
#
# COMPACT_ATOMS: atom_id res chain seq x y z
N VAL A 2 10.98 -53.91 -27.87
CA VAL A 2 12.26 -54.34 -27.29
C VAL A 2 12.73 -53.44 -26.16
N LEU A 3 13.76 -53.92 -25.41
CA LEU A 3 14.39 -53.20 -24.33
C LEU A 3 15.39 -52.22 -24.93
N LYS A 4 15.10 -50.94 -24.78
CA LYS A 4 15.92 -49.85 -25.29
C LYS A 4 16.67 -49.19 -24.14
N GLY A 5 17.95 -48.92 -24.36
CA GLY A 5 18.80 -48.17 -23.45
C GLY A 5 18.83 -46.73 -23.90
N ILE A 6 18.81 -45.78 -22.95
CA ILE A 6 18.79 -44.36 -23.27
C ILE A 6 20.15 -43.69 -23.09
N ASN A 7 20.91 -44.19 -22.11
CA ASN A 7 22.11 -43.65 -21.51
C ASN A 7 23.31 -44.60 -21.62
N PHE A 8 23.18 -45.66 -22.42
CA PHE A 8 24.19 -46.72 -22.58
C PHE A 8 25.31 -46.34 -23.59
N ASP A 9 26.42 -47.10 -23.61
CA ASP A 9 27.58 -46.89 -24.48
C ASP A 9 27.27 -46.59 -25.96
N ARG A 10 26.36 -47.37 -26.58
CA ARG A 10 25.96 -47.23 -27.99
C ARG A 10 24.76 -46.33 -28.23
N SER A 11 24.18 -45.77 -27.15
CA SER A 11 23.00 -44.90 -27.26
C SER A 11 23.36 -43.54 -27.82
N ILE A 12 22.44 -42.92 -28.58
CA ILE A 12 22.61 -41.54 -29.01
C ILE A 12 21.77 -40.72 -28.03
N VAL A 13 22.41 -39.85 -27.25
CA VAL A 13 21.68 -39.03 -26.29
C VAL A 13 21.11 -37.82 -27.05
N THR A 14 19.77 -37.77 -27.15
CA THR A 14 19.01 -36.78 -27.94
C THR A 14 18.60 -35.49 -27.17
N PRO A 15 17.94 -34.50 -27.86
CA PRO A 15 17.47 -33.31 -27.12
C PRO A 15 16.27 -33.55 -26.19
N GLU A 16 15.22 -34.34 -26.59
CA GLU A 16 14.09 -34.66 -25.67
C GLU A 16 14.64 -35.35 -24.43
N ASN A 17 15.67 -36.20 -24.61
CA ASN A 17 16.37 -36.93 -23.54
C ASN A 17 16.92 -36.01 -22.45
N GLU A 18 17.88 -35.12 -22.75
CA GLU A 18 18.44 -34.26 -21.71
C GLU A 18 17.46 -33.21 -21.10
N ALA A 19 16.36 -32.93 -21.83
CA ALA A 19 15.27 -32.06 -21.41
C ALA A 19 14.40 -32.85 -20.44
N SER A 20 14.15 -34.14 -20.73
CA SER A 20 13.45 -35.03 -19.80
C SER A 20 14.25 -35.15 -18.50
N ILE A 21 15.61 -35.19 -18.59
CA ILE A 21 16.53 -35.26 -17.43
C ILE A 21 16.43 -33.99 -16.58
N LEU A 22 16.54 -32.78 -17.22
CA LEU A 22 16.47 -31.48 -16.56
C LEU A 22 15.10 -31.27 -15.86
N ASP A 23 14.01 -31.74 -16.51
CA ASP A 23 12.67 -31.66 -15.94
C ASP A 23 12.60 -32.45 -14.64
N LEU A 24 13.18 -33.66 -14.66
CA LEU A 24 13.27 -34.52 -13.49
C LEU A 24 14.08 -33.80 -12.39
N ALA A 25 15.19 -33.20 -12.78
CA ALA A 25 16.08 -32.42 -11.89
C ALA A 25 15.38 -31.17 -11.30
N MET A 26 14.33 -30.63 -11.99
CA MET A 26 13.50 -29.49 -11.57
C MET A 26 12.26 -29.92 -10.76
N GLN A 27 12.17 -31.24 -10.40
CA GLN A 27 11.00 -31.87 -9.73
C GLN A 27 9.72 -31.69 -10.55
N ASN A 28 9.85 -31.68 -11.89
CA ASN A 28 8.75 -31.44 -12.85
C ASN A 28 8.11 -30.07 -12.75
N ARG A 29 8.85 -29.08 -12.26
CA ARG A 29 8.37 -27.71 -12.18
C ARG A 29 9.01 -26.93 -13.31
N SER A 30 8.21 -26.06 -13.95
CA SER A 30 8.73 -25.15 -14.96
C SER A 30 8.70 -23.77 -14.32
N GLY A 31 9.50 -22.85 -14.83
CA GLY A 31 9.50 -21.50 -14.31
C GLY A 31 10.75 -20.72 -14.68
N VAL A 32 10.69 -19.42 -14.44
CA VAL A 32 11.79 -18.50 -14.68
C VAL A 32 12.78 -18.68 -13.52
N LEU A 33 14.05 -18.97 -13.85
CA LEU A 33 15.11 -19.18 -12.87
C LEU A 33 15.78 -17.87 -12.48
N ASP A 34 15.83 -16.91 -13.40
CA ASP A 34 16.42 -15.59 -13.15
C ASP A 34 15.96 -14.61 -14.19
N GLY A 35 15.88 -13.34 -13.81
CA GLY A 35 15.48 -12.25 -14.67
C GLY A 35 14.09 -12.39 -15.28
N MET A 36 13.98 -12.02 -16.57
CA MET A 36 12.75 -12.08 -17.37
C MET A 36 11.61 -11.22 -16.82
N THR A 37 11.97 -10.17 -16.06
CA THR A 37 11.01 -9.19 -15.54
C THR A 37 10.83 -8.10 -16.56
N ILE A 38 9.69 -7.42 -16.52
CA ILE A 38 9.33 -6.34 -17.43
C ILE A 38 10.32 -5.15 -17.38
N ASP A 39 10.62 -4.58 -18.54
CA ASP A 39 11.52 -3.42 -18.69
C ASP A 39 10.65 -2.24 -19.16
N ILE A 40 10.06 -1.51 -18.20
CA ILE A 40 9.16 -0.38 -18.44
C ILE A 40 9.79 0.80 -19.21
N LEU A 41 11.09 1.07 -18.98
CA LEU A 41 11.85 2.14 -19.65
C LEU A 41 11.91 1.95 -21.17
N ASN A 42 12.03 0.70 -21.64
CA ASN A 42 12.07 0.36 -23.06
C ASN A 42 10.70 -0.08 -23.62
N THR A 43 9.63 0.04 -22.79
CA THR A 43 8.27 -0.31 -23.17
C THR A 43 7.53 0.92 -23.73
N THR A 44 7.00 0.78 -24.96
CA THR A 44 6.26 1.85 -25.64
C THR A 44 4.77 1.43 -25.79
N SER A 45 4.06 2.02 -26.76
CA SER A 45 2.66 1.71 -27.06
C SER A 45 2.58 0.67 -28.20
N ASN A 46 3.73 0.34 -28.80
CA ASN A 46 3.87 -0.62 -29.90
C ASN A 46 4.73 -1.82 -29.50
N GLN A 47 5.55 -1.66 -28.44
CA GLN A 47 6.43 -2.72 -27.95
C GLN A 47 6.45 -2.89 -26.43
N LEU A 48 6.67 -4.14 -25.97
CA LEU A 48 6.79 -4.50 -24.56
C LEU A 48 8.18 -5.10 -24.40
N ALA A 49 8.98 -4.52 -23.49
CA ALA A 49 10.33 -5.00 -23.27
C ALA A 49 10.46 -5.83 -21.99
N LEU A 50 11.40 -6.78 -22.01
CA LEU A 50 11.71 -7.69 -20.92
C LEU A 50 13.21 -7.71 -20.73
N PHE A 51 13.67 -7.90 -19.49
CA PHE A 51 15.09 -8.01 -19.20
C PHE A 51 15.57 -9.44 -19.46
N HIS A 52 16.90 -9.60 -19.63
CA HIS A 52 17.56 -10.88 -19.85
C HIS A 52 17.23 -11.86 -18.70
N GLY A 53 17.40 -13.14 -18.97
CA GLY A 53 17.16 -14.16 -17.98
C GLY A 53 17.14 -15.57 -18.51
N THR A 54 16.85 -16.51 -17.62
CA THR A 54 16.81 -17.94 -17.88
C THR A 54 15.54 -18.56 -17.31
N ALA A 55 14.91 -19.46 -18.10
CA ALA A 55 13.72 -20.20 -17.68
C ALA A 55 13.88 -21.64 -18.09
N VAL A 56 13.16 -22.55 -17.41
CA VAL A 56 13.13 -23.96 -17.76
C VAL A 56 11.65 -24.29 -17.98
N LEU A 57 11.32 -24.79 -19.18
CA LEU A 57 9.94 -25.15 -19.50
C LEU A 57 9.90 -26.60 -19.88
N GLN A 58 9.42 -27.45 -18.94
CA GLN A 58 9.36 -28.90 -19.08
C GLN A 58 10.71 -29.52 -19.53
N GLY A 59 11.78 -29.05 -18.89
CA GLY A 59 13.14 -29.50 -19.15
C GLY A 59 13.90 -28.75 -20.22
N TYR A 60 13.24 -27.89 -20.99
CA TYR A 60 13.91 -27.12 -22.03
C TYR A 60 14.35 -25.78 -21.49
N GLY A 61 15.67 -25.54 -21.57
CA GLY A 61 16.29 -24.30 -21.14
C GLY A 61 16.10 -23.21 -22.16
N ILE A 62 15.57 -22.06 -21.72
CA ILE A 62 15.30 -20.91 -22.56
C ILE A 62 16.05 -19.73 -21.97
N GLU A 63 16.66 -18.93 -22.83
CA GLU A 63 17.44 -17.79 -22.43
C GLU A 63 17.09 -16.56 -23.24
N ILE A 64 16.98 -15.42 -22.55
CA ILE A 64 16.84 -14.10 -23.17
C ILE A 64 18.23 -13.52 -22.93
N THR A 65 18.96 -13.27 -24.01
CA THR A 65 20.32 -12.77 -23.93
C THR A 65 20.34 -11.27 -23.74
N ARG A 66 21.36 -10.81 -23.02
CA ARG A 66 21.64 -9.41 -22.78
C ARG A 66 22.68 -8.98 -23.84
N ALA A 67 22.80 -7.64 -24.06
CA ALA A 67 23.76 -6.97 -24.95
C ALA A 67 23.55 -5.47 -24.90
N ALA A 68 24.64 -4.69 -25.17
CA ALA A 68 24.69 -3.22 -25.22
C ALA A 68 24.11 -2.51 -23.98
N ALA A 71 20.82 -2.83 -23.44
CA ALA A 71 19.41 -3.19 -23.64
C ALA A 71 18.78 -2.45 -24.88
N PRO A 72 17.52 -2.73 -25.29
CA PRO A 72 16.55 -3.69 -24.72
C PRO A 72 16.92 -5.14 -25.03
N ASP A 73 16.92 -5.99 -23.98
CA ASP A 73 17.25 -7.41 -24.06
C ASP A 73 16.32 -8.21 -24.98
N VAL A 74 15.03 -7.81 -25.07
CA VAL A 74 14.02 -8.41 -25.94
C VAL A 74 12.82 -7.46 -26.10
N LEU A 75 12.15 -7.52 -27.26
CA LEU A 75 10.99 -6.71 -27.59
C LEU A 75 9.86 -7.59 -28.06
N VAL A 76 8.65 -7.34 -27.55
CA VAL A 76 7.46 -8.08 -27.93
C VAL A 76 6.50 -7.10 -28.59
N ASP A 77 6.03 -7.45 -29.80
CA ASP A 77 5.13 -6.61 -30.58
C ASP A 77 3.71 -6.57 -29.97
N THR A 78 3.29 -5.36 -29.54
CA THR A 78 1.97 -5.12 -28.94
C THR A 78 0.99 -4.44 -29.89
N THR A 79 1.36 -4.28 -31.20
CA THR A 79 0.51 -3.66 -32.22
C THR A 79 -0.73 -4.52 -32.46
N GLY A 80 -1.90 -3.89 -32.36
CA GLY A 80 -3.19 -4.56 -32.54
C GLY A 80 -3.86 -4.94 -31.24
N GLN A 81 -3.09 -4.90 -30.12
CA GLN A 81 -3.59 -5.22 -28.77
C GLN A 81 -4.06 -3.93 -28.07
N SER A 82 -5.37 -3.85 -27.77
CA SER A 82 -6.00 -2.70 -27.14
C SER A 82 -7.27 -3.08 -26.40
N ASN A 83 -7.56 -2.38 -25.29
CA ASN A 83 -8.74 -2.57 -24.43
C ASN A 83 -8.99 -4.04 -24.04
N GLU A 84 -7.89 -4.79 -23.80
CA GLU A 84 -7.88 -6.20 -23.47
C GLU A 84 -6.92 -6.50 -22.34
N THR A 85 -7.29 -7.50 -21.52
CA THR A 85 -6.40 -8.06 -20.50
C THR A 85 -5.90 -9.36 -21.15
N MET A 86 -4.59 -9.46 -21.32
CA MET A 86 -3.96 -10.62 -21.94
C MET A 86 -2.90 -11.20 -21.02
N LEU A 87 -2.41 -12.39 -21.36
CA LEU A 87 -1.32 -13.01 -20.65
C LEU A 87 -0.08 -13.00 -21.53
N LEU A 88 1.02 -12.41 -21.04
CA LEU A 88 2.30 -12.49 -21.74
C LEU A 88 2.83 -13.90 -21.39
N CYS A 89 3.04 -14.73 -22.41
CA CYS A 89 3.49 -16.12 -22.25
C CYS A 89 4.76 -16.45 -22.97
N LEU A 90 5.51 -17.38 -22.40
CA LEU A 90 6.71 -17.96 -23.01
C LEU A 90 6.21 -19.33 -23.45
N THR A 91 6.28 -19.59 -24.76
CA THR A 91 5.75 -20.81 -25.37
C THR A 91 6.78 -21.61 -26.12
N ILE A 92 6.70 -22.94 -26.00
CA ILE A 92 7.49 -23.88 -26.79
C ILE A 92 6.52 -24.49 -27.81
N ASP A 93 6.89 -24.46 -29.11
CA ASP A 93 6.07 -25.03 -30.17
C ASP A 93 6.95 -25.98 -30.98
N LEU A 94 6.84 -27.29 -30.69
CA LEU A 94 7.62 -28.33 -31.36
C LEU A 94 7.24 -28.61 -32.82
N ASN A 95 6.15 -27.98 -33.32
CA ASN A 95 5.74 -28.07 -34.72
C ASN A 95 6.61 -27.14 -35.57
N GLN A 96 7.25 -26.14 -34.93
CA GLN A 96 8.11 -25.19 -35.63
C GLN A 96 9.49 -25.78 -35.90
N VAL A 97 10.27 -25.13 -36.78
CA VAL A 97 11.61 -25.59 -37.13
C VAL A 97 12.67 -24.58 -36.69
N ASN A 98 13.66 -25.04 -35.91
CA ASN A 98 14.77 -24.19 -35.49
C ASN A 98 15.74 -24.11 -36.67
N VAL A 99 16.04 -22.89 -37.13
CA VAL A 99 16.87 -22.66 -38.31
C VAL A 99 18.33 -22.34 -37.99
N PRO A 100 19.24 -23.33 -38.11
CA PRO A 100 20.66 -23.03 -37.89
C PRO A 100 21.26 -22.37 -39.12
N SER A 101 22.36 -21.66 -38.92
CA SER A 101 23.13 -20.99 -39.97
C SER A 101 24.58 -20.95 -39.54
N GLY A 102 25.50 -20.81 -40.50
CA GLY A 102 26.92 -20.76 -40.25
C GLY A 102 27.49 -22.12 -39.93
N THR A 103 28.68 -22.19 -39.34
CA THR A 103 29.30 -23.48 -39.07
C THR A 103 30.15 -23.54 -37.81
N VAL A 104 30.25 -24.76 -37.26
CA VAL A 104 31.09 -25.19 -36.15
C VAL A 104 32.36 -25.70 -36.88
N GLY A 105 33.24 -24.77 -37.18
CA GLY A 105 34.49 -24.99 -37.90
C GLY A 105 35.09 -23.62 -38.05
N THR A 106 34.19 -22.68 -38.37
CA THR A 106 34.39 -21.25 -38.34
C THR A 106 33.70 -20.98 -36.99
N ASN A 107 33.61 -19.73 -36.57
CA ASN A 107 32.93 -19.52 -35.29
C ASN A 107 31.68 -18.71 -35.61
N THR A 108 30.85 -19.26 -36.53
CA THR A 108 29.64 -18.62 -37.08
C THR A 108 28.31 -19.42 -36.90
N TYR A 109 28.31 -20.47 -36.07
CA TYR A 109 27.10 -21.26 -35.84
C TYR A 109 26.10 -20.48 -34.96
N ALA A 110 24.88 -20.31 -35.48
CA ALA A 110 23.75 -19.62 -34.86
C ALA A 110 22.47 -20.38 -35.18
N VAL A 111 21.40 -20.16 -34.37
CA VAL A 111 20.08 -20.76 -34.53
C VAL A 111 18.97 -19.71 -34.32
N ASP A 112 18.00 -19.67 -35.22
CA ASP A 112 16.79 -18.87 -35.06
C ASP A 112 15.80 -19.88 -34.47
N TYR A 113 15.62 -19.82 -33.13
CA TYR A 113 14.74 -20.72 -32.40
C TYR A 113 13.28 -20.40 -32.60
N LYS A 114 12.72 -20.84 -33.73
CA LYS A 114 11.31 -20.64 -34.05
C LYS A 114 10.37 -21.49 -33.13
N GLN A 115 10.94 -22.49 -32.44
CA GLN A 115 10.22 -23.34 -31.50
C GLN A 115 9.91 -22.59 -30.17
N ILE A 116 10.49 -21.39 -29.99
CA ILE A 116 10.31 -20.55 -28.80
C ILE A 116 9.67 -19.22 -29.21
N ARG A 117 8.59 -18.81 -28.50
CA ARG A 117 7.86 -17.57 -28.73
C ARG A 117 7.59 -16.88 -27.41
N LEU A 118 7.55 -15.54 -27.44
CA LEU A 118 7.07 -14.67 -26.38
C LEU A 118 5.81 -14.09 -27.04
N GLU A 119 4.63 -14.34 -26.46
CA GLU A 119 3.37 -13.95 -27.07
C GLU A 119 2.27 -13.57 -26.07
N PHE A 120 1.18 -12.99 -26.60
CA PHE A 120 0.01 -12.64 -25.82
C PHE A 120 -1.08 -13.64 -26.10
N LEU A 121 -1.61 -14.22 -25.03
CA LEU A 121 -2.69 -15.19 -25.13
C LEU A 121 -3.81 -14.75 -24.21
N ASP A 122 -5.04 -15.13 -24.55
CA ASP A 122 -6.13 -14.86 -23.64
C ASP A 122 -6.13 -16.02 -22.60
N VAL A 123 -6.85 -15.87 -21.49
CA VAL A 123 -6.92 -16.88 -20.43
C VAL A 123 -7.34 -18.29 -20.93
N PRO A 124 -8.47 -18.47 -21.67
CA PRO A 124 -8.82 -19.84 -22.13
C PRO A 124 -7.78 -20.54 -23.01
N THR A 125 -7.06 -19.79 -23.86
CA THR A 125 -6.03 -20.34 -24.75
C THR A 125 -4.81 -20.80 -23.93
N LEU A 126 -4.37 -19.96 -22.98
CA LEU A 126 -3.26 -20.30 -22.10
C LEU A 126 -3.62 -21.58 -21.31
N LEU A 127 -4.82 -21.64 -20.71
CA LEU A 127 -5.26 -22.79 -19.92
C LEU A 127 -5.25 -24.12 -20.68
N LYS A 128 -5.65 -24.08 -21.97
CA LYS A 128 -5.68 -25.26 -22.85
C LYS A 128 -4.27 -25.79 -23.16
N GLN A 129 -3.22 -24.95 -23.00
CA GLN A 129 -1.83 -25.38 -23.26
C GLN A 129 -0.86 -25.06 -22.08
N TYR A 130 -1.41 -24.86 -20.88
CA TYR A 130 -0.67 -24.52 -19.66
C TYR A 130 0.17 -25.72 -19.22
N TRP A 131 1.49 -25.49 -18.97
CA TRP A 131 2.42 -26.53 -18.51
C TRP A 131 1.94 -27.26 -17.23
N ARG A 132 1.21 -26.55 -16.34
CA ARG A 132 0.73 -27.16 -15.08
C ARG A 132 -0.32 -28.26 -15.30
N ASP A 133 -0.99 -28.26 -16.46
CA ASP A 133 -2.06 -29.21 -16.76
C ASP A 133 -1.80 -30.10 -17.95
N HIS A 134 -0.82 -29.75 -18.78
CA HIS A 134 -0.51 -30.50 -20.00
C HIS A 134 0.99 -30.58 -20.17
N SER A 135 1.45 -31.60 -20.89
CA SER A 135 2.88 -31.80 -21.05
C SER A 135 3.30 -32.25 -22.43
N LEU A 136 4.50 -31.81 -22.83
CA LEU A 136 5.17 -32.21 -24.08
C LEU A 136 5.59 -33.68 -23.94
N HIS A 137 5.89 -34.13 -22.70
CA HIS A 137 6.33 -35.47 -22.33
C HIS A 137 5.17 -36.38 -21.87
N ASP A 138 3.91 -35.88 -21.90
CA ASP A 138 2.73 -36.62 -21.42
C ASP A 138 2.55 -38.00 -22.03
N LEU A 139 2.14 -38.98 -21.19
CA LEU A 139 1.92 -40.37 -21.59
C LEU A 139 0.68 -40.55 -22.45
N ILE A 140 -0.49 -40.14 -21.93
CA ILE A 140 -1.79 -40.25 -22.59
C ILE A 140 -2.06 -39.21 -23.68
N ASP A 141 -1.90 -37.92 -23.36
CA ASP A 141 -2.16 -36.83 -24.30
C ASP A 141 -0.89 -35.97 -24.57
N PRO A 142 0.17 -36.50 -25.26
CA PRO A 142 1.37 -35.67 -25.49
C PRO A 142 1.07 -34.45 -26.34
N ARG A 143 1.63 -33.31 -25.95
CA ARG A 143 1.42 -32.05 -26.63
C ARG A 143 2.66 -31.66 -27.42
N ARG A 144 2.47 -30.73 -28.35
CA ARG A 144 3.56 -30.18 -29.16
C ARG A 144 3.72 -28.70 -28.81
N VAL A 145 2.70 -28.10 -28.21
CA VAL A 145 2.75 -26.71 -27.78
C VAL A 145 2.38 -26.53 -26.29
N ILE A 146 3.30 -25.88 -25.54
CA ILE A 146 3.16 -25.66 -24.12
C ILE A 146 3.59 -24.25 -23.72
N SER A 147 2.86 -23.62 -22.81
CA SER A 147 3.14 -22.24 -22.40
C SER A 147 3.28 -22.03 -20.92
N MET A 148 4.02 -20.96 -20.58
CA MET A 148 4.16 -20.48 -19.22
C MET A 148 3.79 -19.00 -19.16
N PRO A 149 2.74 -18.65 -18.39
CA PRO A 149 2.35 -17.23 -18.27
C PRO A 149 3.31 -16.47 -17.35
N LEU A 150 3.76 -15.28 -17.78
CA LEU A 150 4.74 -14.49 -17.03
C LEU A 150 4.11 -13.27 -16.37
N TYR A 151 3.21 -12.62 -17.11
CA TYR A 151 2.56 -11.38 -16.68
C TYR A 151 1.15 -11.27 -17.16
N TRP A 152 0.31 -10.64 -16.33
CA TRP A 152 -1.03 -10.20 -16.70
C TRP A 152 -0.69 -8.84 -17.39
N ILE A 153 -1.13 -8.65 -18.64
CA ILE A 153 -0.89 -7.39 -19.38
C ILE A 153 -2.24 -6.77 -19.73
N THR A 154 -2.51 -5.57 -19.20
CA THR A 154 -3.80 -4.91 -19.50
C THR A 154 -3.56 -3.72 -20.43
N PHE A 155 -3.95 -3.88 -21.70
CA PHE A 155 -3.79 -2.84 -22.71
C PHE A 155 -4.96 -1.87 -22.64
N GLY A 156 -4.65 -0.58 -22.72
CA GLY A 156 -5.65 0.49 -22.72
C GLY A 156 -6.02 0.89 -24.13
N GLN A 157 -6.26 2.20 -24.34
CA GLN A 157 -6.59 2.75 -25.67
C GLN A 157 -5.32 2.82 -26.53
N THR A 158 -5.49 2.79 -27.88
CA THR A 158 -4.38 2.85 -28.84
C THR A 158 -3.53 4.12 -28.60
N GLY A 159 -2.25 3.92 -28.31
CA GLY A 159 -1.32 5.02 -28.04
C GLY A 159 -0.81 5.11 -26.61
N THR A 160 -1.25 4.19 -25.73
CA THR A 160 -0.84 4.15 -24.31
C THR A 160 0.04 2.94 -23.99
N THR A 161 0.88 3.05 -22.95
CA THR A 161 1.71 1.94 -22.44
C THR A 161 0.80 1.06 -21.53
N PRO A 162 0.92 -0.29 -21.54
CA PRO A 162 -0.01 -1.10 -20.75
C PRO A 162 0.33 -1.24 -19.25
N LEU A 163 -0.65 -1.72 -18.46
CA LEU A 163 -0.48 -2.03 -17.04
C LEU A 163 -0.03 -3.50 -16.92
N TYR A 164 0.76 -3.82 -15.88
CA TYR A 164 1.29 -5.18 -15.70
C TYR A 164 1.28 -5.71 -14.27
N GLU A 165 1.15 -7.05 -14.15
CA GLU A 165 1.19 -7.78 -12.87
C GLU A 165 1.90 -9.10 -13.09
N GLN A 166 3.03 -9.29 -12.41
CA GLN A 166 3.87 -10.48 -12.48
C GLN A 166 3.10 -11.72 -11.99
N ILE A 167 3.25 -12.85 -12.70
CA ILE A 167 2.66 -14.13 -12.31
C ILE A 167 3.74 -14.86 -11.52
N LYS A 168 3.77 -14.56 -10.23
CA LYS A 168 4.80 -15.04 -9.30
C LYS A 168 4.88 -16.56 -9.15
N SER A 169 3.78 -17.28 -9.37
CA SER A 169 3.76 -18.77 -9.31
C SER A 169 4.70 -19.36 -10.39
N ASN A 170 4.94 -18.61 -11.48
CA ASN A 170 5.78 -19.03 -12.59
C ASN A 170 7.24 -18.53 -12.56
N TYR A 171 7.64 -17.94 -11.43
CA TYR A 171 9.00 -17.44 -11.20
C TYR A 171 9.54 -18.19 -10.02
N ILE A 172 10.68 -18.86 -10.19
CA ILE A 172 11.32 -19.57 -9.09
C ILE A 172 12.28 -18.51 -8.54
N ASP A 173 11.72 -17.62 -7.73
CA ASP A 173 12.38 -16.45 -7.20
C ASP A 173 13.29 -16.76 -6.03
N GLY A 174 12.69 -17.26 -4.94
CA GLY A 174 13.39 -17.59 -3.71
C GLY A 174 12.54 -18.27 -2.65
N GLY A 175 13.23 -18.98 -1.77
CA GLY A 175 12.59 -19.74 -0.70
C GLY A 175 12.45 -21.19 -1.06
N ASN A 176 12.39 -21.48 -2.38
CA ASN A 176 12.17 -22.81 -2.90
C ASN A 176 13.24 -23.48 -3.76
N SER A 177 14.39 -22.82 -4.01
CA SER A 177 15.50 -23.39 -4.78
C SER A 177 15.94 -24.70 -4.09
N GLY A 178 16.30 -25.71 -4.85
CA GLY A 178 16.65 -27.00 -4.27
C GLY A 178 15.47 -27.95 -4.21
N ASN A 179 14.29 -27.46 -3.80
CA ASN A 179 13.04 -28.26 -3.73
C ASN A 179 11.89 -27.44 -4.35
N PRO A 180 11.98 -27.11 -5.67
CA PRO A 180 11.03 -26.16 -6.27
C PRO A 180 9.55 -26.49 -6.23
N ALA A 181 9.20 -27.78 -6.29
CA ALA A 181 7.80 -28.18 -6.31
C ALA A 181 7.21 -28.41 -4.90
N TYR A 182 8.05 -28.35 -3.85
CA TYR A 182 7.65 -28.62 -2.46
C TYR A 182 7.98 -27.45 -1.50
N GLY A 183 8.26 -27.77 -0.23
CA GLY A 183 8.58 -26.76 0.76
C GLY A 183 7.37 -26.07 1.36
N ILE A 184 7.61 -24.96 2.03
CA ILE A 184 6.58 -24.21 2.72
C ILE A 184 5.57 -23.60 1.75
N ALA A 185 4.28 -23.74 2.05
CA ALA A 185 3.16 -23.16 1.30
C ALA A 185 2.75 -21.85 1.99
N ALA A 186 2.67 -21.85 3.34
CA ALA A 186 2.29 -20.68 4.11
C ALA A 186 2.85 -20.77 5.52
N ARG A 187 3.13 -19.63 6.15
CA ARG A 187 3.67 -19.55 7.51
C ARG A 187 3.41 -18.17 8.07
N CYS A 188 3.39 -18.03 9.40
CA CYS A 188 3.17 -16.72 10.00
C CYS A 188 3.96 -16.60 11.29
N GLU A 189 4.08 -15.38 11.77
CA GLU A 189 4.68 -15.13 13.07
C GLU A 189 3.54 -15.30 14.10
N ASN A 190 3.89 -15.38 15.38
CA ASN A 190 2.91 -15.48 16.46
C ASN A 190 1.97 -14.30 16.45
N PHE A 191 0.67 -14.57 16.66
CA PHE A 191 -0.33 -13.50 16.75
C PHE A 191 -1.33 -13.84 17.84
N ASN A 192 -2.11 -12.83 18.27
CA ASN A 192 -3.15 -12.94 19.28
C ASN A 192 -4.48 -12.64 18.60
N HIS A 193 -5.49 -13.48 18.85
CA HIS A 193 -6.77 -13.33 18.19
C HIS A 193 -7.95 -13.59 19.13
N PHE A 194 -8.83 -12.59 19.24
CA PHE A 194 -10.01 -12.64 20.09
C PHE A 194 -10.98 -13.74 19.63
N ILE A 195 -11.47 -14.55 20.58
CA ILE A 195 -12.43 -15.59 20.28
C ILE A 195 -13.85 -15.01 20.36
N ASN A 196 -14.53 -14.94 19.20
CA ASN A 196 -15.93 -14.47 19.10
C ASN A 196 -16.81 -15.43 19.88
N LYS A 197 -17.91 -14.90 20.42
CA LYS A 197 -18.86 -15.65 21.25
C LYS A 197 -19.81 -16.46 20.38
N VAL A 198 -19.27 -17.44 19.65
CA VAL A 198 -19.99 -18.32 18.72
C VAL A 198 -19.48 -19.76 18.87
N ALA A 199 -20.28 -20.73 18.40
CA ALA A 199 -19.94 -22.15 18.49
C ALA A 199 -18.79 -22.53 17.55
N VAL A 200 -18.79 -21.99 16.32
CA VAL A 200 -17.82 -22.30 15.28
C VAL A 200 -17.35 -21.02 14.62
N GLN A 201 -16.03 -20.86 14.49
CA GLN A 201 -15.44 -19.69 13.85
C GLN A 201 -14.12 -20.07 13.21
N SER A 202 -13.76 -19.38 12.16
CA SER A 202 -12.48 -19.59 11.48
C SER A 202 -11.42 -18.76 12.20
N ILE A 203 -10.17 -19.25 12.21
CA ILE A 203 -9.02 -18.52 12.77
C ILE A 203 -8.39 -17.80 11.59
N PRO A 204 -8.28 -16.45 11.60
CA PRO A 204 -7.71 -15.75 10.45
C PRO A 204 -6.22 -16.03 10.25
N ILE A 205 -5.89 -16.76 9.18
CA ILE A 205 -4.52 -17.19 8.87
C ILE A 205 -3.86 -16.35 7.77
N ASN A 206 -4.55 -15.31 7.27
CA ASN A 206 -4.06 -14.52 6.15
C ASN A 206 -3.38 -13.17 6.43
N GLY A 207 -2.98 -12.92 7.68
CA GLY A 207 -2.21 -11.72 8.02
C GLY A 207 -2.90 -10.64 8.81
N VAL A 208 -4.19 -10.81 9.15
CA VAL A 208 -4.94 -9.82 9.95
C VAL A 208 -5.64 -10.60 11.06
N ALA A 209 -5.38 -10.21 12.31
CA ALA A 209 -6.02 -10.84 13.47
C ALA A 209 -6.77 -9.77 14.25
N ASN A 210 -7.75 -10.19 15.06
CA ASN A 210 -8.49 -9.29 15.93
C ASN A 210 -7.78 -9.32 17.28
N ARG A 211 -6.75 -8.47 17.38
CA ARG A 211 -5.87 -8.43 18.54
C ARG A 211 -6.45 -7.79 19.79
N PRO A 212 -6.52 -8.53 20.93
CA PRO A 212 -6.96 -7.90 22.20
C PRO A 212 -5.96 -6.81 22.58
N VAL A 213 -6.41 -5.54 22.67
CA VAL A 213 -5.54 -4.39 22.96
C VAL A 213 -5.75 -3.72 24.34
N SER A 214 -6.96 -3.85 24.91
CA SER A 214 -7.32 -3.29 26.21
C SER A 214 -8.25 -4.25 26.94
N SER A 215 -8.68 -3.89 28.17
CA SER A 215 -9.59 -4.70 28.97
C SER A 215 -11.01 -4.73 28.39
N THR A 216 -11.31 -3.86 27.40
CA THR A 216 -12.65 -3.78 26.78
C THR A 216 -12.64 -3.91 25.25
N ALA A 217 -11.46 -3.78 24.62
CA ALA A 217 -11.40 -3.78 23.18
C ALA A 217 -10.29 -4.60 22.51
N SER A 218 -10.60 -5.05 21.29
CA SER A 218 -9.70 -5.74 20.39
C SER A 218 -9.63 -4.91 19.13
N GLN A 219 -8.55 -5.03 18.37
CA GLN A 219 -8.49 -4.31 17.11
C GLN A 219 -7.83 -5.09 16.02
N LEU A 220 -8.35 -4.96 14.80
CA LEU A 220 -7.79 -5.63 13.63
C LEU A 220 -6.37 -5.13 13.42
N THR A 221 -5.42 -6.06 13.46
CA THR A 221 -3.99 -5.77 13.43
C THR A 221 -3.29 -6.71 12.49
N ASN A 222 -2.43 -6.17 11.62
CA ASN A 222 -1.62 -6.98 10.72
C ASN A 222 -0.57 -7.78 11.48
N TYR A 223 -0.28 -8.98 11.01
CA TYR A 223 0.84 -9.76 11.52
C TYR A 223 1.57 -10.28 10.29
N LYS A 224 2.86 -10.61 10.45
CA LYS A 224 3.69 -11.13 9.36
C LYS A 224 3.26 -12.51 8.93
N VAL A 225 3.03 -12.66 7.63
CA VAL A 225 2.58 -13.88 6.99
C VAL A 225 3.29 -13.97 5.64
N TRP A 226 3.53 -15.18 5.17
CA TRP A 226 4.13 -15.44 3.88
C TRP A 226 3.41 -16.60 3.22
N ARG A 227 3.22 -16.50 1.90
CA ARG A 227 2.63 -17.58 1.11
C ARG A 227 3.49 -17.83 -0.12
N ASN A 228 3.66 -19.10 -0.48
CA ASN A 228 4.37 -19.51 -1.69
C ASN A 228 3.26 -19.45 -2.78
N PRO A 229 3.32 -18.49 -3.75
CA PRO A 229 2.23 -18.38 -4.75
C PRO A 229 2.07 -19.59 -5.68
N TYR A 230 3.07 -20.45 -5.78
CA TYR A 230 2.99 -21.68 -6.55
C TYR A 230 2.05 -22.71 -5.84
N LEU A 231 1.95 -22.63 -4.49
CA LEU A 231 1.21 -23.62 -3.68
C LEU A 231 -0.12 -23.17 -3.15
N CYS A 232 -0.24 -21.89 -2.84
CA CYS A 232 -1.46 -21.39 -2.25
C CYS A 232 -1.59 -19.91 -2.42
N SER A 233 -2.82 -19.42 -2.26
CA SER A 233 -3.10 -18.00 -2.32
C SER A 233 -4.22 -17.67 -1.37
N GLN A 234 -4.28 -16.40 -0.99
CA GLN A 234 -5.37 -15.87 -0.17
C GLN A 234 -6.67 -15.99 -1.01
N ASP A 235 -7.79 -16.41 -0.38
CA ASP A 235 -9.08 -16.54 -1.10
C ASP A 235 -9.41 -15.23 -1.92
N PRO A 236 -9.76 -15.32 -3.24
CA PRO A 236 -10.06 -14.08 -4.01
C PRO A 236 -11.39 -13.41 -3.63
N ARG A 237 -12.25 -14.10 -2.85
CA ARG A 237 -13.54 -13.51 -2.44
C ARG A 237 -13.32 -12.85 -1.09
N ASP A 238 -13.62 -11.55 -0.98
CA ASP A 238 -13.47 -10.77 0.24
C ASP A 238 -14.16 -11.36 1.49
N LYS A 239 -15.28 -12.06 1.31
CA LYS A 239 -15.97 -12.66 2.44
C LYS A 239 -15.01 -13.68 3.14
N PHE A 240 -14.22 -14.42 2.36
CA PHE A 240 -13.32 -15.45 2.87
C PHE A 240 -11.85 -15.09 2.92
N ALA A 241 -11.44 -13.92 2.37
CA ALA A 241 -10.05 -13.46 2.34
C ALA A 241 -9.29 -13.48 3.69
N PRO A 242 -9.88 -13.14 4.86
CA PRO A 242 -9.07 -13.18 6.10
C PRO A 242 -8.74 -14.59 6.58
N ASP A 243 -9.55 -15.58 6.15
CA ASP A 243 -9.48 -16.93 6.68
C ASP A 243 -9.08 -18.07 5.78
N ASN A 244 -9.43 -18.00 4.51
CA ASN A 244 -9.23 -19.12 3.62
C ASN A 244 -8.08 -18.97 2.68
N LEU A 245 -7.39 -20.08 2.52
CA LEU A 245 -6.36 -20.24 1.52
C LEU A 245 -7.03 -20.98 0.40
N VAL A 246 -6.52 -20.77 -0.82
CA VAL A 246 -6.87 -21.53 -2.00
C VAL A 246 -5.62 -22.33 -2.29
N ILE A 247 -5.75 -23.65 -2.40
CA ILE A 247 -4.66 -24.55 -2.73
C ILE A 247 -4.48 -24.53 -4.25
N GLU A 248 -3.23 -24.36 -4.70
CA GLU A 248 -2.92 -24.24 -6.12
C GLU A 248 -2.32 -25.49 -6.70
N GLU A 249 -1.92 -26.41 -5.81
CA GLU A 249 -1.21 -27.63 -6.21
C GLU A 249 -1.66 -28.81 -5.39
N ASP A 250 -2.03 -29.93 -6.03
CA ASP A 250 -2.43 -31.14 -5.28
C ASP A 250 -1.25 -31.63 -4.45
N GLY A 251 -1.55 -32.30 -3.35
CA GLY A 251 -0.51 -32.96 -2.59
C GLY A 251 -0.88 -33.37 -1.18
N ILE A 252 0.07 -34.02 -0.52
CA ILE A 252 -0.01 -34.32 0.89
C ILE A 252 0.71 -33.13 1.53
N TYR A 253 0.01 -32.45 2.43
CA TYR A 253 0.54 -31.28 3.12
C TYR A 253 0.67 -31.57 4.58
N ARG A 254 1.65 -30.92 5.22
CA ARG A 254 1.80 -30.98 6.66
C ARG A 254 1.30 -29.64 7.22
N ILE A 255 0.42 -29.71 8.22
CA ILE A 255 -0.06 -28.54 8.95
C ILE A 255 0.48 -28.60 10.39
N ASP A 256 1.22 -27.55 10.81
CA ASP A 256 1.72 -27.44 12.19
C ASP A 256 0.98 -26.26 12.81
N ILE A 257 0.46 -26.40 14.02
CA ILE A 257 -0.15 -25.28 14.75
C ILE A 257 0.41 -25.31 16.18
N SER A 258 0.48 -24.15 16.81
CA SER A 258 0.87 -24.00 18.21
C SER A 258 0.35 -22.66 18.69
N GLY A 259 0.14 -22.57 19.97
CA GLY A 259 -0.36 -21.36 20.60
C GLY A 259 -0.98 -21.71 21.93
N SER A 260 -1.77 -20.80 22.45
CA SER A 260 -2.42 -21.06 23.72
C SER A 260 -3.81 -20.43 23.74
N ILE A 261 -4.64 -20.93 24.64
CA ILE A 261 -5.95 -20.35 24.89
C ILE A 261 -5.76 -19.58 26.20
N ASN A 262 -5.87 -18.25 26.13
CA ASN A 262 -5.69 -17.36 27.27
C ASN A 262 -7.05 -16.89 27.81
N ILE A 263 -7.17 -16.71 29.14
CA ILE A 263 -8.41 -16.33 29.83
C ILE A 263 -9.48 -17.41 29.52
N ALA A 264 -9.02 -18.66 29.54
CA ALA A 264 -9.84 -19.84 29.26
C ALA A 264 -10.91 -19.98 30.34
N ASN A 265 -12.15 -20.25 29.93
CA ASN A 265 -13.28 -20.40 30.83
C ASN A 265 -13.36 -21.83 31.39
N TYR A 266 -13.89 -21.95 32.63
CA TYR A 266 -14.11 -23.19 33.37
C TYR A 266 -15.10 -22.95 34.53
N THR A 267 -15.79 -24.01 34.96
CA THR A 267 -16.72 -23.93 36.09
C THR A 267 -15.89 -23.89 37.37
N PHE A 268 -16.00 -22.76 38.08
CA PHE A 268 -15.30 -22.46 39.32
C PHE A 268 -15.52 -23.51 40.39
N PRO A 269 -14.44 -23.93 41.09
CA PRO A 269 -14.61 -24.90 42.20
C PRO A 269 -15.37 -24.26 43.36
N ALA A 270 -16.52 -24.85 43.69
CA ALA A 270 -17.44 -24.44 44.76
C ALA A 270 -17.83 -25.66 45.59
N SER A 271 -18.46 -25.45 46.78
CA SER A 271 -18.91 -26.52 47.67
C SER A 271 -19.93 -27.47 47.01
N GLY A 272 -20.72 -26.93 46.08
CA GLY A 272 -21.72 -27.65 45.32
C GLY A 272 -21.18 -28.68 44.33
N ASN A 273 -19.94 -28.46 43.84
CA ASN A 273 -19.26 -29.37 42.90
C ASN A 273 -18.08 -30.12 43.54
N SER A 274 -17.99 -30.09 44.90
CA SER A 274 -16.96 -30.70 45.74
C SER A 274 -15.57 -30.08 45.50
N TRP A 275 -15.54 -28.72 45.41
CA TRP A 275 -14.35 -27.88 45.18
C TRP A 275 -13.51 -28.41 44.00
N ARG A 276 -14.15 -28.49 42.83
CA ARG A 276 -13.56 -28.99 41.59
C ARG A 276 -13.79 -28.13 40.37
N VAL A 277 -12.76 -28.07 39.52
CA VAL A 277 -12.79 -27.35 38.25
C VAL A 277 -13.64 -28.15 37.26
N GLY A 278 -14.63 -27.47 36.68
CA GLY A 278 -15.48 -28.02 35.64
C GLY A 278 -14.93 -27.59 34.30
N GLY A 279 -14.22 -28.51 33.64
CA GLY A 279 -13.59 -28.28 32.35
C GLY A 279 -14.58 -28.02 31.23
N ARG A 280 -14.18 -27.24 30.24
CA ARG A 280 -15.01 -26.88 29.08
C ARG A 280 -14.36 -27.37 27.80
N TYR A 281 -15.11 -28.15 27.01
CA TYR A 281 -14.59 -28.73 25.79
C TYR A 281 -14.41 -27.72 24.67
N PHE A 282 -13.28 -27.84 23.97
CA PHE A 282 -13.00 -27.06 22.78
C PHE A 282 -12.21 -27.91 21.80
N GLN A 283 -12.28 -27.56 20.53
CA GLN A 283 -11.45 -28.23 19.54
C GLN A 283 -11.00 -27.27 18.47
N ILE A 284 -9.78 -27.48 17.98
CA ILE A 284 -9.20 -26.77 16.85
C ILE A 284 -9.15 -27.78 15.71
N VAL A 285 -9.80 -27.42 14.60
CA VAL A 285 -9.92 -28.29 13.43
C VAL A 285 -9.34 -27.66 12.19
N CYS A 286 -8.78 -28.48 11.27
CA CYS A 286 -8.41 -27.93 9.97
C CYS A 286 -9.50 -28.44 9.03
N ALA A 287 -9.80 -27.68 8.00
CA ALA A 287 -10.88 -28.02 7.09
C ALA A 287 -10.49 -27.78 5.67
N ARG A 288 -11.08 -28.56 4.76
CA ARG A 288 -10.95 -28.37 3.32
C ARG A 288 -12.37 -28.33 2.76
N ASN A 289 -12.57 -27.53 1.74
CA ASN A 289 -13.88 -27.40 1.10
C ASN A 289 -13.65 -27.18 -0.38
N SER A 290 -14.29 -28.01 -1.23
CA SER A 290 -14.15 -27.88 -2.69
C SER A 290 -15.49 -27.59 -3.42
N SER A 291 -16.50 -27.09 -2.70
CA SER A 291 -17.82 -26.79 -3.31
C SER A 291 -17.72 -25.71 -4.40
N ALA A 292 -16.84 -24.69 -4.19
CA ALA A 292 -16.67 -23.63 -5.20
C ALA A 292 -15.60 -24.02 -6.23
N ASN A 293 -15.98 -24.04 -7.50
CA ASN A 293 -15.05 -24.31 -8.57
C ASN A 293 -14.34 -23.00 -9.00
N ASN A 294 -13.24 -23.11 -9.77
CA ASN A 294 -12.51 -21.99 -10.38
C ASN A 294 -11.89 -20.95 -9.42
N LEU A 295 -11.57 -21.36 -8.18
CA LEU A 295 -10.89 -20.47 -7.21
C LEU A 295 -9.39 -20.41 -7.48
N ALA A 296 -8.82 -21.46 -8.12
CA ALA A 296 -7.38 -21.54 -8.43
C ALA A 296 -6.97 -20.44 -9.41
N GLU A 297 -5.66 -20.14 -9.50
CA GLU A 297 -5.12 -19.13 -10.39
C GLU A 297 -5.64 -19.29 -11.82
N PHE A 298 -6.04 -18.14 -12.46
CA PHE A 298 -6.60 -18.02 -13.81
C PHE A 298 -8.03 -18.56 -13.90
N GLY A 299 -8.65 -18.89 -12.76
CA GLY A 299 -9.95 -19.53 -12.73
C GLY A 299 -9.89 -20.97 -13.25
N ALA A 300 -8.71 -21.62 -13.14
CA ALA A 300 -8.51 -23.00 -13.62
C ALA A 300 -9.46 -23.97 -12.93
N GLU A 301 -9.83 -25.02 -13.66
CA GLU A 301 -10.72 -26.07 -13.15
C GLU A 301 -10.05 -26.72 -11.93
N GLN A 302 -10.83 -26.94 -10.88
CA GLN A 302 -10.31 -27.59 -9.68
C GLN A 302 -9.99 -29.07 -9.99
N HIS A 303 -9.13 -29.66 -9.20
CA HIS A 303 -8.82 -31.07 -9.36
C HIS A 303 -9.76 -31.78 -8.42
N LEU A 304 -10.60 -32.66 -8.96
CA LEU A 304 -11.59 -33.35 -8.13
C LEU A 304 -10.98 -34.37 -7.17
N PRO A 305 -11.35 -34.31 -5.88
CA PRO A 305 -10.78 -35.26 -4.90
C PRO A 305 -11.37 -36.66 -5.05
N PRO A 306 -10.69 -37.74 -4.55
CA PRO A 306 -11.28 -39.09 -4.68
C PRO A 306 -12.52 -39.22 -3.80
N SER A 307 -13.40 -40.18 -4.13
CA SER A 307 -14.63 -40.46 -3.36
C SER A 307 -14.29 -40.75 -1.88
N GLY A 308 -15.04 -40.15 -0.96
CA GLY A 308 -14.82 -40.34 0.47
C GLY A 308 -13.77 -39.44 1.11
N VAL A 309 -13.29 -38.41 0.38
CA VAL A 309 -12.28 -37.45 0.88
C VAL A 309 -12.72 -36.79 2.20
N TRP A 310 -11.77 -36.54 3.12
CA TRP A 310 -12.04 -35.86 4.39
C TRP A 310 -12.45 -34.37 4.09
N THR A 311 -13.10 -33.72 5.03
CA THR A 311 -13.48 -32.29 4.97
C THR A 311 -13.07 -31.58 6.26
N ARG A 312 -13.03 -32.31 7.40
CA ARG A 312 -12.67 -31.73 8.71
C ARG A 312 -11.80 -32.69 9.45
N ARG A 313 -10.78 -32.16 10.12
CA ARG A 313 -9.89 -33.00 10.90
C ARG A 313 -9.52 -32.31 12.22
N VAL A 314 -9.76 -33.00 13.34
CA VAL A 314 -9.45 -32.49 14.67
C VAL A 314 -7.93 -32.47 14.87
N LEU A 315 -7.37 -31.28 15.15
CA LEU A 315 -5.95 -31.14 15.47
C LEU A 315 -5.73 -31.19 16.99
N VAL A 316 -6.60 -30.51 17.74
CA VAL A 316 -6.55 -30.41 19.21
C VAL A 316 -7.98 -30.55 19.68
N GLY A 317 -8.22 -31.48 20.58
CA GLY A 317 -9.54 -31.72 21.16
C GLY A 317 -9.38 -32.08 22.62
N GLU A 318 -9.74 -31.15 23.52
CA GLU A 318 -9.62 -31.37 24.97
C GLU A 318 -10.46 -30.38 25.78
N TYR A 319 -10.37 -30.46 27.11
CA TYR A 319 -11.08 -29.57 28.01
C TYR A 319 -10.13 -28.52 28.57
N THR A 320 -10.69 -27.35 28.93
CA THR A 320 -9.94 -26.31 29.65
C THR A 320 -9.61 -26.93 31.02
N ALA A 321 -8.44 -26.64 31.57
CA ALA A 321 -7.96 -27.28 32.80
C ALA A 321 -8.02 -26.46 34.08
N GLY A 322 -8.62 -25.29 34.02
CA GLY A 322 -8.74 -24.44 35.20
C GLY A 322 -7.59 -23.47 35.37
N MET A 323 -6.75 -23.35 34.36
CA MET A 323 -5.61 -22.43 34.35
C MET A 323 -5.98 -21.19 33.54
N THR A 324 -5.31 -20.07 33.79
CA THR A 324 -5.58 -18.82 33.04
C THR A 324 -5.21 -19.03 31.57
N GLU A 325 -4.07 -19.70 31.32
CA GLU A 325 -3.56 -19.96 29.99
C GLU A 325 -3.10 -21.39 29.84
N GLN A 326 -3.52 -22.01 28.74
CA GLN A 326 -3.24 -23.40 28.44
C GLN A 326 -2.69 -23.50 27.00
N ALA A 327 -1.47 -24.07 26.85
CA ALA A 327 -0.81 -24.24 25.55
C ALA A 327 -1.28 -25.49 24.83
N PHE A 328 -1.13 -25.47 23.51
CA PHE A 328 -1.46 -26.60 22.64
C PHE A 328 -0.49 -26.59 21.46
N SER A 329 -0.40 -27.72 20.79
CA SER A 329 0.44 -27.93 19.62
C SER A 329 -0.13 -29.11 18.89
N SER A 330 0.03 -29.15 17.56
CA SER A 330 -0.45 -30.27 16.76
C SER A 330 0.23 -30.24 15.41
N VAL A 331 0.46 -31.42 14.86
CA VAL A 331 1.07 -31.63 13.55
C VAL A 331 0.25 -32.75 12.88
N ALA A 332 -0.21 -32.53 11.65
CA ALA A 332 -0.93 -33.56 10.88
C ALA A 332 -0.55 -33.48 9.43
N THR A 333 -0.64 -34.60 8.72
CA THR A 333 -0.50 -34.61 7.27
C THR A 333 -1.91 -34.83 6.73
N ILE A 334 -2.25 -34.07 5.70
CA ILE A 334 -3.59 -34.02 5.09
C ILE A 334 -3.46 -33.93 3.58
N SER A 335 -4.44 -34.49 2.86
CA SER A 335 -4.45 -34.37 1.41
C SER A 335 -5.18 -33.07 1.06
N LEU A 336 -4.68 -32.34 0.07
CA LEU A 336 -5.29 -31.09 -0.41
C LEU A 336 -5.24 -31.08 -1.93
N PHE A 337 -6.24 -30.47 -2.57
CA PHE A 337 -6.36 -30.48 -4.03
C PHE A 337 -6.40 -29.09 -4.62
N LYS A 338 -5.82 -28.93 -5.87
CA LYS A 338 -5.89 -27.63 -6.59
C LYS A 338 -7.37 -27.19 -6.59
N GLY A 339 -7.61 -25.95 -6.18
CA GLY A 339 -8.95 -25.38 -6.15
C GLY A 339 -9.61 -25.45 -4.79
N ASP A 340 -9.08 -26.29 -3.88
CA ASP A 340 -9.65 -26.40 -2.52
C ASP A 340 -9.47 -25.13 -1.72
N ASN A 341 -10.40 -24.92 -0.80
CA ASN A 341 -10.23 -23.93 0.23
C ASN A 341 -9.68 -24.73 1.40
N PHE A 342 -8.80 -24.11 2.16
CA PHE A 342 -8.22 -24.67 3.38
C PHE A 342 -8.34 -23.60 4.47
N PHE A 343 -8.79 -24.00 5.67
CA PHE A 343 -8.93 -23.07 6.79
C PHE A 343 -8.89 -23.81 8.12
N LEU A 344 -8.74 -23.05 9.20
CA LEU A 344 -8.67 -23.56 10.55
C LEU A 344 -9.85 -23.01 11.34
N GLN A 345 -10.45 -23.84 12.19
CA GLN A 345 -11.59 -23.43 13.00
C GLN A 345 -11.40 -23.74 14.48
N PHE A 346 -11.96 -22.86 15.33
CA PHE A 346 -12.05 -22.98 16.78
C PHE A 346 -13.53 -23.29 17.09
N GLU A 347 -13.77 -24.40 17.81
N GLU A 347 -13.77 -24.40 17.80
CA GLU A 347 -15.10 -24.94 18.10
CA GLU A 347 -15.12 -24.84 18.16
C GLU A 347 -15.31 -25.21 19.60
C GLU A 347 -15.25 -25.06 19.64
N THR A 348 -16.39 -24.64 20.19
CA THR A 348 -16.74 -24.81 21.61
C THR A 348 -18.24 -24.60 21.81
N GLY A 349 -18.74 -24.89 23.02
CA GLY A 349 -20.14 -24.67 23.40
C GLY A 349 -20.42 -23.19 23.54
N THR A 350 -21.71 -22.80 23.53
CA THR A 350 -22.12 -21.40 23.61
C THR A 350 -22.67 -20.95 24.96
N ASN A 351 -22.77 -21.86 25.93
CA ASN A 351 -23.28 -21.53 27.26
C ASN A 351 -22.11 -21.29 28.20
N THR A 352 -21.78 -20.01 28.44
CA THR A 352 -20.66 -19.57 29.28
C THR A 352 -20.70 -20.02 30.74
N SER A 353 -21.88 -20.45 31.23
CA SER A 353 -22.01 -20.91 32.61
C SER A 353 -22.03 -22.44 32.67
N ARG A 354 -21.96 -23.11 31.49
CA ARG A 354 -22.00 -24.57 31.45
C ARG A 354 -20.96 -25.28 30.57
N ASP A 355 -20.95 -25.01 29.25
CA ASP A 355 -20.13 -25.78 28.31
C ASP A 355 -19.12 -25.00 27.44
N SER A 356 -19.06 -23.67 27.56
CA SER A 356 -18.18 -22.85 26.72
C SER A 356 -16.78 -22.67 27.25
N ALA A 357 -15.77 -22.77 26.33
CA ALA A 357 -14.37 -22.52 26.67
C ALA A 357 -14.13 -21.01 26.75
N TYR A 358 -15.06 -20.20 26.18
CA TYR A 358 -14.93 -18.73 26.26
C TYR A 358 -15.78 -18.17 27.42
N ASN A 359 -15.38 -17.00 27.93
CA ASN A 359 -16.06 -16.30 29.03
C ASN A 359 -16.96 -15.17 28.47
N ASN A 360 -17.31 -14.19 29.30
CA ASN A 360 -18.19 -13.07 28.91
C ASN A 360 -17.43 -11.75 28.74
N GLY A 361 -16.11 -11.80 28.82
CA GLY A 361 -15.27 -10.61 28.69
C GLY A 361 -14.92 -10.25 27.26
N TYR A 362 -14.35 -9.06 27.06
CA TYR A 362 -13.93 -8.52 25.77
C TYR A 362 -12.50 -8.03 25.85
N GLY A 363 -11.83 -7.93 24.71
CA GLY A 363 -10.42 -7.56 24.63
C GLY A 363 -9.57 -8.51 25.46
N THR A 364 -8.57 -7.96 26.19
CA THR A 364 -7.68 -8.74 27.08
C THR A 364 -8.42 -9.41 28.28
N SER A 365 -9.67 -9.03 28.58
CA SER A 365 -10.48 -9.64 29.65
C SER A 365 -11.30 -10.81 29.11
N GLY A 366 -11.30 -10.97 27.80
CA GLY A 366 -12.02 -12.05 27.12
C GLY A 366 -11.10 -13.15 26.65
N THR A 367 -11.64 -14.37 26.54
CA THR A 367 -10.92 -15.55 26.06
C THR A 367 -10.38 -15.30 24.65
N HIS A 368 -9.10 -15.61 24.45
CA HIS A 368 -8.47 -15.39 23.15
C HIS A 368 -7.33 -16.36 22.90
N LEU A 369 -6.95 -16.48 21.62
CA LEU A 369 -5.79 -17.25 21.20
C LEU A 369 -4.59 -16.32 21.39
N ARG A 370 -3.53 -16.84 21.99
CA ARG A 370 -2.32 -16.07 22.22
C ARG A 370 -1.16 -16.86 21.66
N ASN A 371 -0.17 -16.15 21.10
CA ASN A 371 1.05 -16.74 20.52
C ASN A 371 0.74 -17.81 19.49
N PHE A 372 -0.32 -17.59 18.72
CA PHE A 372 -0.75 -18.54 17.71
C PHE A 372 0.06 -18.40 16.44
N SER A 373 0.49 -19.53 15.87
CA SER A 373 1.18 -19.57 14.59
C SER A 373 0.98 -20.92 13.94
N TYR A 374 1.28 -20.97 12.64
CA TYR A 374 1.14 -22.19 11.87
C TYR A 374 2.16 -22.18 10.76
N THR A 375 2.39 -23.37 10.21
CA THR A 375 3.16 -23.60 9.00
C THR A 375 2.38 -24.65 8.23
N LEU A 376 2.19 -24.38 6.93
CA LEU A 376 1.61 -25.33 6.00
C LEU A 376 2.72 -25.65 4.98
N GLU A 377 2.99 -26.92 4.77
CA GLU A 377 4.09 -27.36 3.91
C GLU A 377 3.67 -28.51 3.00
N ARG A 378 4.07 -28.47 1.72
CA ARG A 378 3.80 -29.55 0.79
C ARG A 378 4.90 -30.61 0.99
N VAL A 379 4.50 -31.83 1.35
CA VAL A 379 5.43 -32.92 1.67
C VAL A 379 5.34 -34.16 0.78
N GLY A 380 4.31 -34.26 -0.05
CA GLY A 380 4.08 -35.39 -0.92
C GLY A 380 3.18 -35.05 -2.10
N ASP A 381 3.25 -35.82 -3.18
CA ASP A 381 2.41 -35.59 -4.33
C ASP A 381 1.25 -36.59 -4.31
N LEU A 382 0.29 -36.43 -5.23
CA LEU A 382 -0.87 -37.32 -5.33
C LEU A 382 -1.02 -37.90 -6.73
N ASN A 383 0.11 -38.12 -7.41
CA ASN A 383 0.16 -38.73 -8.74
C ASN A 383 -0.06 -40.23 -8.64
N GLY A 384 -0.56 -40.83 -9.71
CA GLY A 384 -0.79 -42.28 -9.81
C GLY A 384 -1.71 -42.86 -8.75
N THR A 385 -1.30 -43.99 -8.20
CA THR A 385 -2.03 -44.74 -7.18
C THR A 385 -2.24 -43.99 -5.86
N ALA A 386 -1.32 -43.06 -5.52
CA ALA A 386 -1.36 -42.23 -4.30
C ALA A 386 -2.66 -41.44 -4.23
N TYR A 387 -3.22 -41.05 -5.41
CA TYR A 387 -4.48 -40.32 -5.51
C TYR A 387 -5.61 -41.04 -4.74
N TYR A 388 -5.74 -42.36 -4.91
CA TYR A 388 -6.77 -43.15 -4.19
C TYR A 388 -6.30 -43.64 -2.82
N ASP A 389 -5.05 -44.11 -2.72
CA ASP A 389 -4.49 -44.69 -1.49
C ASP A 389 -4.21 -43.67 -0.38
N ASN A 390 -3.79 -42.45 -0.74
CA ASN A 390 -3.37 -41.39 0.19
C ASN A 390 -4.26 -40.14 0.11
N GLY A 391 -5.00 -39.96 -1.00
CA GLY A 391 -5.80 -38.77 -1.26
C GLY A 391 -7.08 -38.54 -0.49
N THR A 392 -7.63 -39.59 0.17
CA THR A 392 -8.91 -39.46 0.91
C THR A 392 -8.75 -38.86 2.32
N PHE A 393 -7.49 -38.74 2.82
CA PHE A 393 -7.25 -38.20 4.17
C PHE A 393 -5.98 -37.37 4.23
N VAL B 2 4.84 59.89 19.60
CA VAL B 2 4.12 60.74 18.64
C VAL B 2 3.53 59.95 17.47
N LEU B 3 2.61 60.60 16.72
CA LEU B 3 1.97 60.07 15.53
C LEU B 3 2.92 60.30 14.36
N LYS B 4 3.45 59.20 13.83
CA LYS B 4 4.39 59.21 12.72
C LYS B 4 3.67 58.70 11.46
N GLY B 5 3.91 59.40 10.35
CA GLY B 5 3.44 59.03 9.03
C GLY B 5 4.55 58.28 8.32
N ILE B 6 4.19 57.22 7.59
CA ILE B 6 5.19 56.38 6.90
C ILE B 6 5.25 56.69 5.40
N ASN B 7 4.13 57.12 4.88
CA ASN B 7 3.77 57.31 3.48
C ASN B 7 3.38 58.74 3.08
N PHE B 8 3.58 59.72 3.97
CA PHE B 8 3.15 61.09 3.75
C PHE B 8 4.18 61.91 2.96
N ASP B 9 3.80 63.12 2.53
CA ASP B 9 4.64 64.03 1.73
C ASP B 9 6.09 64.22 2.22
N ARG B 10 6.28 64.43 3.54
CA ARG B 10 7.59 64.64 4.17
C ARG B 10 8.29 63.39 4.66
N SER B 11 7.66 62.22 4.54
CA SER B 11 8.26 60.95 4.98
C SER B 11 9.35 60.53 4.02
N ILE B 12 10.33 59.76 4.53
CA ILE B 12 11.36 59.11 3.72
C ILE B 12 10.97 57.63 3.72
N VAL B 13 10.71 57.06 2.53
CA VAL B 13 10.37 55.62 2.44
C VAL B 13 11.64 54.79 2.46
N THR B 14 11.78 53.95 3.50
CA THR B 14 12.96 53.13 3.77
C THR B 14 12.91 51.71 3.13
N PRO B 15 14.04 50.96 3.13
CA PRO B 15 14.01 49.58 2.59
C PRO B 15 13.05 48.71 3.39
N GLU B 16 13.11 48.77 4.76
CA GLU B 16 12.24 48.00 5.66
C GLU B 16 10.76 48.30 5.37
N ASN B 17 10.45 49.56 4.98
CA ASN B 17 9.10 50.00 4.63
C ASN B 17 8.60 49.28 3.36
N GLU B 18 9.37 49.34 2.25
CA GLU B 18 9.00 48.69 0.98
C GLU B 18 8.85 47.15 1.16
N ALA B 19 9.72 46.56 2.00
CA ALA B 19 9.71 45.14 2.35
C ALA B 19 8.45 44.80 3.14
N SER B 20 8.10 45.64 4.13
CA SER B 20 6.89 45.43 4.92
C SER B 20 5.65 45.46 4.00
N ILE B 21 5.65 46.35 2.97
CA ILE B 21 4.57 46.50 1.98
C ILE B 21 4.46 45.23 1.11
N LEU B 22 5.60 44.75 0.53
CA LEU B 22 5.67 43.53 -0.30
C LEU B 22 5.22 42.27 0.49
N ASP B 23 5.59 42.19 1.78
CA ASP B 23 5.19 41.08 2.64
C ASP B 23 3.69 41.04 2.77
N LEU B 24 3.08 42.22 2.98
CA LEU B 24 1.64 42.39 3.07
C LEU B 24 1.00 41.94 1.75
N ALA B 25 1.59 42.36 0.63
CA ALA B 25 1.16 42.02 -0.73
C ALA B 25 1.29 40.50 -1.03
N MET B 26 2.19 39.79 -0.30
CA MET B 26 2.43 38.33 -0.38
C MET B 26 1.56 37.54 0.64
N GLN B 27 0.63 38.21 1.33
CA GLN B 27 -0.23 37.66 2.40
C GLN B 27 0.64 37.07 3.53
N ASN B 28 1.81 37.69 3.79
CA ASN B 28 2.81 37.27 4.79
C ASN B 28 3.41 35.88 4.50
N ARG B 29 3.42 35.47 3.23
CA ARG B 29 4.05 34.21 2.83
C ARG B 29 5.39 34.55 2.20
N SER B 30 6.40 33.73 2.51
CA SER B 30 7.71 33.85 1.89
C SER B 30 7.84 32.64 0.97
N GLY B 31 8.68 32.74 -0.04
CA GLY B 31 8.89 31.62 -0.93
C GLY B 31 9.54 32.00 -2.22
N VAL B 32 9.99 30.98 -2.98
CA VAL B 32 10.59 31.14 -4.29
C VAL B 32 9.44 31.39 -5.28
N LEU B 33 9.54 32.51 -6.03
CA LEU B 33 8.53 32.90 -7.02
C LEU B 33 8.80 32.26 -8.37
N ASP B 34 10.08 32.02 -8.70
CA ASP B 34 10.48 31.39 -9.96
C ASP B 34 11.90 30.87 -9.85
N GLY B 35 12.19 29.81 -10.60
CA GLY B 35 13.50 29.18 -10.65
C GLY B 35 14.00 28.67 -9.31
N MET B 36 15.32 28.89 -9.06
CA MET B 36 16.04 28.50 -7.84
C MET B 36 16.03 26.98 -7.58
N THR B 37 15.87 26.18 -8.65
CA THR B 37 15.92 24.73 -8.59
C THR B 37 17.36 24.30 -8.77
N ILE B 38 17.69 23.11 -8.27
CA ILE B 38 19.03 22.53 -8.32
C ILE B 38 19.52 22.33 -9.78
N ASP B 39 20.82 22.60 -10.01
CA ASP B 39 21.47 22.43 -11.31
C ASP B 39 22.49 21.30 -11.15
N ILE B 40 22.03 20.04 -11.37
CA ILE B 40 22.84 18.82 -11.22
C ILE B 40 24.05 18.74 -12.16
N LEU B 41 23.92 19.26 -13.40
CA LEU B 41 25.00 19.27 -14.40
C LEU B 41 26.24 20.06 -13.92
N ASN B 42 26.03 21.17 -13.19
CA ASN B 42 27.10 22.00 -12.64
C ASN B 42 27.42 21.68 -11.17
N THR B 43 26.80 20.61 -10.63
CA THR B 43 27.01 20.15 -9.26
C THR B 43 28.14 19.11 -9.20
N THR B 44 29.16 19.35 -8.37
CA THR B 44 30.30 18.44 -8.19
C THR B 44 30.28 17.89 -6.75
N SER B 45 31.45 17.44 -6.25
CA SER B 45 31.61 16.92 -4.89
C SER B 45 32.10 18.03 -3.95
N ASN B 46 32.43 19.21 -4.52
CA ASN B 46 32.92 20.39 -3.79
C ASN B 46 31.94 21.57 -3.91
N GLN B 47 31.06 21.53 -4.93
CA GLN B 47 30.09 22.59 -5.17
C GLN B 47 28.68 22.09 -5.52
N LEU B 48 27.66 22.88 -5.13
CA LEU B 48 26.25 22.63 -5.40
C LEU B 48 25.76 23.83 -6.21
N ALA B 49 25.22 23.56 -7.39
CA ALA B 49 24.73 24.63 -8.26
C ALA B 49 23.22 24.75 -8.25
N LEU B 50 22.73 25.98 -8.47
CA LEU B 50 21.32 26.33 -8.51
C LEU B 50 21.08 27.22 -9.72
N PHE B 51 19.88 27.10 -10.31
CA PHE B 51 19.51 27.94 -11.45
C PHE B 51 19.03 29.30 -10.96
N HIS B 52 19.03 30.30 -11.87
CA HIS B 52 18.56 31.66 -11.63
C HIS B 52 17.11 31.65 -11.14
N GLY B 53 16.71 32.73 -10.48
CA GLY B 53 15.35 32.85 -10.00
C GLY B 53 15.12 34.01 -9.07
N THR B 54 13.89 34.09 -8.56
CA THR B 54 13.43 35.16 -7.67
C THR B 54 12.68 34.56 -6.48
N ALA B 55 12.94 35.10 -5.28
CA ALA B 55 12.27 34.70 -4.05
C ALA B 55 11.93 35.94 -3.27
N VAL B 56 10.93 35.83 -2.39
CA VAL B 56 10.54 36.91 -1.47
C VAL B 56 10.63 36.33 -0.07
N LEU B 57 11.44 36.94 0.80
CA LEU B 57 11.60 36.46 2.16
C LEU B 57 11.23 37.58 3.10
N GLN B 58 10.02 37.46 3.69
CA GLN B 58 9.43 38.47 4.59
C GLN B 58 9.47 39.90 3.99
N GLY B 59 9.09 39.98 2.71
CA GLY B 59 9.04 41.22 1.98
C GLY B 59 10.30 41.63 1.25
N TYR B 60 11.43 40.95 1.50
CA TYR B 60 12.68 41.26 0.83
C TYR B 60 12.84 40.41 -0.42
N GLY B 61 12.98 41.08 -1.56
CA GLY B 61 13.18 40.46 -2.86
C GLY B 61 14.61 40.02 -3.02
N ILE B 62 14.80 38.75 -3.39
CA ILE B 62 16.11 38.14 -3.58
C ILE B 62 16.14 37.56 -4.97
N GLU B 63 17.26 37.77 -5.67
CA GLU B 63 17.42 37.30 -7.02
C GLU B 63 18.74 36.60 -7.21
N ILE B 64 18.72 35.48 -7.93
CA ILE B 64 19.90 34.77 -8.38
C ILE B 64 19.92 35.13 -9.87
N THR B 65 20.94 35.86 -10.30
CA THR B 65 21.05 36.29 -11.70
C THR B 65 21.64 35.21 -12.59
N ARG B 66 21.27 35.25 -13.87
CA ARG B 66 21.76 34.31 -14.88
C ARG B 66 23.16 34.72 -15.32
N ALA B 67 24.06 33.73 -15.46
CA ALA B 67 25.42 33.99 -15.93
C ALA B 67 25.44 34.02 -17.46
N ALA B 68 26.16 35.00 -18.03
CA ALA B 68 26.34 35.10 -19.47
C ALA B 68 27.39 34.05 -19.85
N ASN B 69 27.00 33.11 -20.70
CA ASN B 69 27.86 32.02 -21.14
C ASN B 69 27.15 30.68 -21.26
N ALA B 71 28.60 28.23 -17.44
CA ALA B 71 27.44 29.11 -17.30
C ALA B 71 26.56 28.84 -16.03
N PRO B 72 27.10 28.38 -14.85
CA PRO B 72 26.21 28.18 -13.70
C PRO B 72 25.79 29.53 -13.10
N ASP B 73 24.53 29.63 -12.67
CA ASP B 73 23.98 30.86 -12.12
C ASP B 73 24.47 31.18 -10.71
N VAL B 74 24.69 30.14 -9.87
CA VAL B 74 25.21 30.28 -8.50
C VAL B 74 25.88 28.97 -8.04
N LEU B 75 26.90 29.08 -7.19
CA LEU B 75 27.65 27.95 -6.65
C LEU B 75 27.68 28.04 -5.14
N VAL B 76 27.39 26.91 -4.48
CA VAL B 76 27.42 26.83 -3.01
C VAL B 76 28.51 25.86 -2.63
N ASP B 77 29.40 26.29 -1.73
CA ASP B 77 30.53 25.49 -1.27
C ASP B 77 30.08 24.34 -0.35
N THR B 78 30.31 23.09 -0.81
CA THR B 78 29.96 21.86 -0.07
C THR B 78 31.17 21.19 0.59
N THR B 79 32.36 21.85 0.57
CA THR B 79 33.59 21.31 1.17
C THR B 79 33.44 21.22 2.69
N GLY B 80 33.71 20.05 3.23
CA GLY B 80 33.59 19.76 4.66
C GLY B 80 32.29 19.07 5.03
N GLN B 81 31.31 19.06 4.11
CA GLN B 81 29.99 18.41 4.31
C GLN B 81 30.04 16.98 3.78
N SER B 82 29.86 16.00 4.69
CA SER B 82 29.89 14.57 4.36
C SER B 82 29.10 13.75 5.39
N ASN B 83 28.49 12.64 4.92
CA ASN B 83 27.69 11.70 5.72
C ASN B 83 26.64 12.38 6.63
N GLU B 84 26.03 13.47 6.11
CA GLU B 84 25.06 14.31 6.79
C GLU B 84 23.88 14.64 5.90
N THR B 85 22.69 14.76 6.51
CA THR B 85 21.50 15.27 5.84
C THR B 85 21.41 16.72 6.35
N MET B 86 21.46 17.66 5.41
CA MET B 86 21.42 19.09 5.74
C MET B 86 20.29 19.76 4.96
N LEU B 87 19.99 21.00 5.34
CA LEU B 87 19.02 21.79 4.62
C LEU B 87 19.74 22.92 3.87
N LEU B 88 19.55 22.99 2.55
CA LEU B 88 20.08 24.11 1.78
C LEU B 88 19.06 25.25 2.04
N CYS B 89 19.53 26.36 2.61
CA CYS B 89 18.70 27.51 2.99
C CYS B 89 19.12 28.81 2.37
N LEU B 90 18.13 29.67 2.13
CA LEU B 90 18.32 31.04 1.67
C LEU B 90 18.07 31.85 2.94
N THR B 91 19.07 32.60 3.39
CA THR B 91 19.03 33.35 4.64
C THR B 91 19.24 34.83 4.47
N ILE B 92 18.49 35.63 5.26
CA ILE B 92 18.69 37.07 5.36
C ILE B 92 19.32 37.30 6.74
N ASP B 93 20.44 38.03 6.78
CA ASP B 93 21.13 38.35 8.04
C ASP B 93 21.34 39.86 8.10
N LEU B 94 20.45 40.56 8.83
CA LEU B 94 20.49 42.01 8.97
C LEU B 94 21.64 42.56 9.83
N ASN B 95 22.43 41.66 10.46
CA ASN B 95 23.62 42.05 11.23
C ASN B 95 24.78 42.30 10.27
N GLN B 96 24.69 41.76 9.03
CA GLN B 96 25.73 41.94 8.01
C GLN B 96 25.61 43.30 7.33
N VAL B 97 26.67 43.71 6.59
CA VAL B 97 26.66 45.00 5.89
C VAL B 97 26.74 44.78 4.39
N ASN B 98 25.80 45.38 3.64
CA ASN B 98 25.81 45.30 2.18
C ASN B 98 26.83 46.33 1.69
N VAL B 99 27.83 45.87 0.92
CA VAL B 99 28.95 46.70 0.47
C VAL B 99 28.76 47.23 -0.95
N PRO B 100 28.37 48.51 -1.10
CA PRO B 100 28.28 49.09 -2.44
C PRO B 100 29.66 49.50 -2.95
N SER B 101 29.78 49.61 -4.26
CA SER B 101 31.00 50.04 -4.94
C SER B 101 30.58 50.73 -6.23
N GLY B 102 31.46 51.58 -6.76
CA GLY B 102 31.19 52.32 -8.00
C GLY B 102 30.25 53.47 -7.75
N THR B 103 29.67 54.01 -8.82
CA THR B 103 28.80 55.17 -8.68
C THR B 103 27.66 55.21 -9.67
N VAL B 104 26.56 55.84 -9.27
CA VAL B 104 25.34 56.01 -10.04
C VAL B 104 25.55 57.01 -11.20
N GLY B 105 26.43 57.98 -11.01
CA GLY B 105 26.79 58.97 -12.02
C GLY B 105 27.51 58.35 -13.20
N THR B 106 28.33 57.34 -12.92
CA THR B 106 28.95 56.49 -13.94
C THR B 106 27.91 55.37 -14.03
N ASN B 107 28.19 54.32 -14.75
CA ASN B 107 27.22 53.26 -14.72
C ASN B 107 27.96 52.06 -14.11
N THR B 108 28.49 52.26 -12.88
CA THR B 108 29.32 51.28 -12.14
C THR B 108 28.81 50.87 -10.76
N TYR B 109 27.61 51.34 -10.36
CA TYR B 109 27.08 51.02 -9.05
C TYR B 109 26.75 49.52 -8.92
N ALA B 110 27.35 48.88 -7.91
CA ALA B 110 27.19 47.47 -7.60
C ALA B 110 27.17 47.27 -6.10
N VAL B 111 26.50 46.21 -5.63
CA VAL B 111 26.41 45.91 -4.21
C VAL B 111 26.78 44.46 -3.94
N ASP B 112 27.65 44.24 -2.94
CA ASP B 112 27.98 42.91 -2.46
C ASP B 112 26.98 42.67 -1.30
N TYR B 113 25.89 41.92 -1.54
CA TYR B 113 24.83 41.69 -0.55
C TYR B 113 25.20 40.65 0.50
N LYS B 114 25.96 41.08 1.52
CA LYS B 114 26.40 40.20 2.60
C LYS B 114 25.23 39.82 3.53
N GLN B 115 24.12 40.57 3.44
CA GLN B 115 22.92 40.31 4.20
C GLN B 115 22.15 39.09 3.65
N ILE B 116 22.57 38.54 2.50
CA ILE B 116 21.95 37.38 1.86
C ILE B 116 22.98 36.25 1.76
N ARG B 117 22.61 35.02 2.17
CA ARG B 117 23.44 33.82 2.11
C ARG B 117 22.65 32.65 1.58
N LEU B 118 23.33 31.73 0.88
CA LEU B 118 22.85 30.41 0.50
C LEU B 118 23.77 29.52 1.33
N GLU B 119 23.19 28.73 2.24
CA GLU B 119 23.98 27.93 3.19
C GLU B 119 23.34 26.61 3.58
N PHE B 120 24.12 25.75 4.25
CA PHE B 120 23.67 24.47 4.78
C PHE B 120 23.47 24.59 6.26
N LEU B 121 22.28 24.23 6.71
CA LEU B 121 21.93 24.25 8.12
C LEU B 121 21.39 22.91 8.50
N ASP B 122 21.56 22.53 9.77
CA ASP B 122 20.93 21.31 10.24
C ASP B 122 19.46 21.68 10.59
N VAL B 123 18.60 20.68 10.78
CA VAL B 123 17.18 20.88 11.11
C VAL B 123 16.95 21.77 12.35
N PRO B 124 17.58 21.52 13.54
CA PRO B 124 17.32 22.41 14.70
C PRO B 124 17.69 23.88 14.52
N THR B 125 18.77 24.17 13.76
CA THR B 125 19.23 25.55 13.49
C THR B 125 18.25 26.26 12.57
N LEU B 126 17.81 25.57 11.48
CA LEU B 126 16.82 26.13 10.57
C LEU B 126 15.53 26.45 11.36
N LEU B 127 15.03 25.50 12.16
CA LEU B 127 13.79 25.67 12.95
C LEU B 127 13.80 26.89 13.87
N LYS B 128 14.96 27.15 14.51
CA LYS B 128 15.14 28.29 15.41
C LYS B 128 15.10 29.64 14.68
N GLN B 129 15.31 29.65 13.35
CA GLN B 129 15.28 30.89 12.57
C GLN B 129 14.37 30.81 11.31
N TYR B 130 13.45 29.84 11.29
CA TYR B 130 12.51 29.58 10.20
C TYR B 130 11.50 30.71 10.08
N TRP B 131 11.35 31.26 8.85
CA TRP B 131 10.39 32.36 8.57
C TRP B 131 8.94 32.02 8.99
N ARG B 132 8.54 30.74 8.94
CA ARG B 132 7.17 30.32 9.31
C ARG B 132 6.86 30.52 10.80
N ASP B 133 7.91 30.59 11.64
CA ASP B 133 7.77 30.70 13.10
C ASP B 133 8.33 31.95 13.70
N HIS B 134 9.20 32.64 12.97
CA HIS B 134 9.86 33.85 13.48
C HIS B 134 9.91 34.90 12.39
N SER B 135 10.01 36.17 12.79
CA SER B 135 10.00 37.26 11.82
C SER B 135 10.98 38.36 12.12
N LEU B 136 11.48 38.98 11.03
CA LEU B 136 12.35 40.16 11.06
C LEU B 136 11.51 41.36 11.52
N HIS B 137 10.21 41.34 11.19
CA HIS B 137 9.21 42.39 11.48
C HIS B 137 8.41 42.10 12.77
N ASP B 138 8.74 41.00 13.50
CA ASP B 138 8.00 40.58 14.70
C ASP B 138 7.88 41.65 15.78
N LEU B 139 6.69 41.72 16.42
CA LEU B 139 6.37 42.70 17.45
C LEU B 139 7.09 42.40 18.78
N ILE B 140 6.86 41.19 19.32
CA ILE B 140 7.42 40.74 20.59
C ILE B 140 8.89 40.30 20.53
N ASP B 141 9.25 39.39 19.61
CA ASP B 141 10.60 38.86 19.47
C ASP B 141 11.22 39.18 18.06
N PRO B 142 11.51 40.46 17.71
CA PRO B 142 12.07 40.73 16.37
C PRO B 142 13.42 40.07 16.16
N ARG B 143 13.59 39.49 14.98
CA ARG B 143 14.80 38.77 14.64
C ARG B 143 15.65 39.59 13.66
N ARG B 144 16.93 39.23 13.54
CA ARG B 144 17.84 39.85 12.61
C ARG B 144 18.25 38.82 11.55
N VAL B 145 18.07 37.53 11.86
CA VAL B 145 18.37 36.45 10.93
C VAL B 145 17.17 35.51 10.71
N ILE B 146 16.81 35.33 9.42
CA ILE B 146 15.68 34.51 9.03
C ILE B 146 16.02 33.66 7.80
N SER B 147 15.55 32.40 7.78
CA SER B 147 15.86 31.50 6.68
C SER B 147 14.65 30.84 6.04
N MET B 148 14.85 30.43 4.78
CA MET B 148 13.90 29.63 4.04
C MET B 148 14.59 28.37 3.50
N PRO B 149 14.12 27.18 3.91
CA PRO B 149 14.74 25.94 3.41
C PRO B 149 14.27 25.64 1.98
N LEU B 150 15.20 25.30 1.08
CA LEU B 150 14.88 25.05 -0.33
C LEU B 150 14.96 23.58 -0.68
N TYR B 151 15.96 22.88 -0.14
CA TYR B 151 16.19 21.48 -0.42
C TYR B 151 16.72 20.72 0.76
N TRP B 152 16.35 19.44 0.85
CA TRP B 152 16.94 18.47 1.75
C TRP B 152 18.19 18.04 0.93
N ILE B 153 19.39 18.14 1.52
CA ILE B 153 20.62 17.74 0.83
C ILE B 153 21.30 16.64 1.65
N THR B 154 21.43 15.44 1.05
CA THR B 154 22.06 14.33 1.77
C THR B 154 23.44 14.05 1.19
N PHE B 155 24.48 14.43 1.93
CA PHE B 155 25.86 14.24 1.51
C PHE B 155 26.32 12.83 1.88
N GLY B 156 26.99 12.16 0.94
CA GLY B 156 27.56 10.83 1.14
C GLY B 156 29.00 10.91 1.59
N GLN B 157 29.83 9.95 1.12
CA GLN B 157 31.26 9.92 1.43
C GLN B 157 32.00 11.00 0.63
N THR B 158 33.17 11.44 1.14
CA THR B 158 34.01 12.47 0.51
C THR B 158 34.38 12.05 -0.93
N GLY B 159 33.98 12.87 -1.90
CA GLY B 159 34.24 12.62 -3.32
C GLY B 159 33.02 12.30 -4.16
N THR B 160 31.82 12.29 -3.55
CA THR B 160 30.55 12.00 -4.24
C THR B 160 29.64 13.23 -4.34
N THR B 161 28.75 13.25 -5.35
CA THR B 161 27.74 14.30 -5.54
C THR B 161 26.57 13.96 -4.57
N PRO B 162 25.91 14.95 -3.92
CA PRO B 162 24.85 14.60 -2.96
C PRO B 162 23.47 14.29 -3.56
N LEU B 163 22.59 13.69 -2.74
CA LEU B 163 21.19 13.43 -3.10
C LEU B 163 20.35 14.64 -2.67
N TYR B 164 19.24 14.93 -3.39
CA TYR B 164 18.42 16.09 -3.11
C TYR B 164 16.90 15.87 -3.19
N GLU B 165 16.15 16.65 -2.40
CA GLU B 165 14.68 16.64 -2.36
C GLU B 165 14.20 18.06 -2.13
N GLN B 166 13.47 18.61 -3.11
CA GLN B 166 12.93 19.96 -3.08
C GLN B 166 11.92 20.12 -1.94
N ILE B 167 11.98 21.27 -1.23
CA ILE B 167 11.04 21.61 -0.16
C ILE B 167 9.96 22.44 -0.84
N LYS B 168 8.96 21.72 -1.39
CA LYS B 168 7.90 22.31 -2.20
C LYS B 168 7.01 23.32 -1.46
N SER B 169 6.90 23.22 -0.11
CA SER B 169 6.12 24.17 0.71
C SER B 169 6.73 25.59 0.59
N ASN B 170 8.03 25.68 0.28
CA ASN B 170 8.76 26.95 0.17
C ASN B 170 8.91 27.48 -1.27
N TYR B 171 8.21 26.83 -2.21
CA TYR B 171 8.17 27.27 -3.61
C TYR B 171 6.75 27.61 -3.95
N ILE B 172 6.52 28.84 -4.42
CA ILE B 172 5.20 29.31 -4.86
C ILE B 172 5.20 28.92 -6.33
N ASP B 173 4.80 27.68 -6.55
CA ASP B 173 4.87 27.03 -7.85
C ASP B 173 3.72 27.41 -8.77
N GLY B 174 2.51 27.09 -8.33
CA GLY B 174 1.26 27.32 -9.05
C GLY B 174 0.08 26.72 -8.33
N GLY B 175 -1.11 27.19 -8.70
CA GLY B 175 -2.35 26.77 -8.06
C GLY B 175 -2.84 27.85 -7.13
N ASN B 176 -1.87 28.46 -6.45
CA ASN B 176 -1.97 29.59 -5.56
C ASN B 176 -0.78 30.48 -5.95
N SER B 177 -1.14 31.55 -6.65
CA SER B 177 -0.36 32.71 -7.10
C SER B 177 -1.43 33.79 -7.38
N GLY B 178 -1.81 34.44 -6.30
CA GLY B 178 -2.85 35.44 -6.19
C GLY B 178 -3.41 35.44 -4.79
N ASN B 179 -3.38 34.25 -4.16
CA ASN B 179 -3.79 34.00 -2.76
C ASN B 179 -2.79 32.98 -2.19
N PRO B 180 -1.48 33.38 -2.11
CA PRO B 180 -0.44 32.39 -1.73
C PRO B 180 -0.57 31.70 -0.39
N ALA B 181 -1.18 32.35 0.61
CA ALA B 181 -1.32 31.77 1.95
C ALA B 181 -2.62 30.96 2.10
N TYR B 182 -3.54 31.06 1.12
CA TYR B 182 -4.85 30.44 1.17
C TYR B 182 -5.13 29.50 0.00
N GLY B 183 -6.40 29.34 -0.37
CA GLY B 183 -6.78 28.44 -1.44
C GLY B 183 -6.88 26.99 -1.01
N ILE B 184 -6.94 26.11 -1.99
CA ILE B 184 -7.10 24.66 -1.81
C ILE B 184 -5.93 24.03 -1.09
N ALA B 185 -6.24 23.23 -0.05
CA ALA B 185 -5.26 22.46 0.71
C ALA B 185 -5.19 21.06 0.12
N ALA B 186 -6.36 20.47 -0.18
CA ALA B 186 -6.46 19.12 -0.76
C ALA B 186 -7.77 18.96 -1.51
N ARG B 187 -7.77 18.13 -2.56
CA ARG B 187 -8.95 17.87 -3.39
C ARG B 187 -8.76 16.55 -4.10
N CYS B 188 -9.87 15.91 -4.53
CA CYS B 188 -9.75 14.65 -5.23
C CYS B 188 -10.85 14.51 -6.26
N GLU B 189 -10.67 13.57 -7.17
CA GLU B 189 -11.72 13.24 -8.12
C GLU B 189 -12.67 12.25 -7.41
N ASN B 190 -13.84 12.00 -8.00
CA ASN B 190 -14.78 11.03 -7.46
C ASN B 190 -14.17 9.64 -7.35
N PHE B 191 -14.43 8.94 -6.25
CA PHE B 191 -13.96 7.58 -6.08
C PHE B 191 -15.03 6.73 -5.40
N ASN B 192 -14.88 5.40 -5.48
CA ASN B 192 -15.78 4.43 -4.87
C ASN B 192 -14.98 3.69 -3.80
N HIS B 193 -15.58 3.53 -2.61
CA HIS B 193 -14.86 2.91 -1.48
C HIS B 193 -15.76 1.98 -0.68
N PHE B 194 -15.33 0.71 -0.56
CA PHE B 194 -16.05 -0.32 0.18
C PHE B 194 -16.14 0.01 1.66
N ILE B 195 -17.34 -0.13 2.23
CA ILE B 195 -17.57 0.13 3.65
C ILE B 195 -17.31 -1.18 4.42
N ASN B 196 -16.25 -1.18 5.24
CA ASN B 196 -15.88 -2.31 6.10
C ASN B 196 -17.00 -2.54 7.11
N LYS B 197 -17.17 -3.79 7.53
CA LYS B 197 -18.24 -4.21 8.44
C LYS B 197 -17.84 -3.89 9.90
N VAL B 198 -17.71 -2.59 10.21
CA VAL B 198 -17.29 -2.09 11.53
C VAL B 198 -18.13 -0.86 11.89
N ALA B 199 -18.15 -0.52 13.19
CA ALA B 199 -18.92 0.61 13.70
C ALA B 199 -18.33 1.96 13.27
N VAL B 200 -16.99 2.08 13.28
CA VAL B 200 -16.27 3.32 12.98
C VAL B 200 -15.10 3.01 12.05
N GLN B 201 -14.96 3.79 10.98
CA GLN B 201 -13.85 3.61 10.03
C GLN B 201 -13.53 4.93 9.37
N SER B 202 -12.28 5.09 8.97
CA SER B 202 -11.86 6.29 8.26
C SER B 202 -12.12 6.10 6.78
N ILE B 203 -12.39 7.20 6.07
CA ILE B 203 -12.57 7.19 4.60
C ILE B 203 -11.22 7.60 4.03
N PRO B 204 -10.60 6.77 3.17
CA PRO B 204 -9.26 7.11 2.65
C PRO B 204 -9.27 8.30 1.71
N ILE B 205 -8.68 9.40 2.16
CA ILE B 205 -8.65 10.66 1.40
C ILE B 205 -7.29 10.95 0.71
N ASN B 206 -6.32 10.01 0.83
CA ASN B 206 -4.98 10.24 0.26
C ASN B 206 -4.63 9.57 -1.08
N GLY B 207 -5.64 9.25 -1.89
CA GLY B 207 -5.39 8.75 -3.23
C GLY B 207 -5.52 7.28 -3.50
N VAL B 208 -5.85 6.47 -2.49
CA VAL B 208 -6.03 5.01 -2.66
C VAL B 208 -7.35 4.64 -1.97
N ALA B 209 -8.27 4.04 -2.71
CA ALA B 209 -9.56 3.61 -2.18
C ALA B 209 -9.68 2.12 -2.37
N ASN B 210 -10.57 1.49 -1.60
CA ASN B 210 -10.85 0.07 -1.73
C ASN B 210 -12.06 -0.03 -2.65
N ARG B 211 -11.78 -0.02 -3.95
CA ARG B 211 -12.80 0.01 -4.99
C ARG B 211 -13.54 -1.31 -5.22
N PRO B 212 -14.89 -1.33 -5.08
CA PRO B 212 -15.65 -2.54 -5.43
C PRO B 212 -15.47 -2.83 -6.93
N VAL B 213 -15.01 -4.05 -7.29
CA VAL B 213 -14.71 -4.41 -8.69
C VAL B 213 -15.52 -5.59 -9.26
N SER B 214 -16.13 -6.40 -8.39
CA SER B 214 -16.91 -7.55 -8.80
C SER B 214 -17.93 -7.80 -7.71
N SER B 215 -18.85 -8.76 -7.94
CA SER B 215 -19.89 -9.12 -6.98
C SER B 215 -19.32 -9.74 -5.67
N THR B 216 -18.02 -10.08 -5.65
CA THR B 216 -17.38 -10.72 -4.49
C THR B 216 -16.14 -10.02 -3.94
N ALA B 217 -15.65 -8.96 -4.61
CA ALA B 217 -14.42 -8.31 -4.16
C ALA B 217 -14.29 -6.83 -4.51
N SER B 218 -13.44 -6.16 -3.70
CA SER B 218 -13.01 -4.79 -3.87
C SER B 218 -11.50 -4.84 -3.96
N GLN B 219 -10.90 -3.88 -4.64
CA GLN B 219 -9.45 -3.84 -4.71
C GLN B 219 -8.89 -2.44 -4.55
N LEU B 220 -7.75 -2.34 -3.87
CA LEU B 220 -7.07 -1.06 -3.66
C LEU B 220 -6.72 -0.46 -5.01
N THR B 221 -7.25 0.73 -5.27
CA THR B 221 -7.14 1.40 -6.56
C THR B 221 -6.82 2.88 -6.34
N ASN B 222 -5.83 3.39 -7.09
CA ASN B 222 -5.47 4.81 -7.05
C ASN B 222 -6.56 5.68 -7.64
N TYR B 223 -6.73 6.87 -7.07
CA TYR B 223 -7.62 7.88 -7.67
C TYR B 223 -6.82 9.18 -7.63
N LYS B 224 -7.17 10.12 -8.51
CA LYS B 224 -6.48 11.43 -8.59
C LYS B 224 -6.76 12.28 -7.36
N VAL B 225 -5.70 12.74 -6.73
CA VAL B 225 -5.72 13.57 -5.53
C VAL B 225 -4.59 14.59 -5.67
N TRP B 226 -4.79 15.76 -5.07
CA TRP B 226 -3.80 16.83 -5.06
C TRP B 226 -3.75 17.43 -3.68
N ARG B 227 -2.55 17.77 -3.22
CA ARG B 227 -2.34 18.45 -1.94
C ARG B 227 -1.42 19.65 -2.15
N ASN B 228 -1.75 20.76 -1.49
CA ASN B 228 -0.92 21.96 -1.46
C ASN B 228 0.12 21.67 -0.33
N PRO B 229 1.43 21.48 -0.64
CA PRO B 229 2.40 21.13 0.43
C PRO B 229 2.61 22.20 1.50
N TYR B 230 2.24 23.44 1.20
CA TYR B 230 2.31 24.54 2.16
C TYR B 230 1.23 24.37 3.27
N LEU B 231 0.10 23.72 2.93
CA LEU B 231 -1.04 23.59 3.84
C LEU B 231 -1.22 22.22 4.48
N CYS B 232 -0.88 21.16 3.76
CA CYS B 232 -1.03 19.79 4.26
C CYS B 232 -0.14 18.82 3.53
N SER B 233 0.03 17.64 4.14
CA SER B 233 0.83 16.53 3.62
C SER B 233 0.19 15.21 4.08
N GLN B 234 0.51 14.13 3.38
CA GLN B 234 0.03 12.79 3.73
C GLN B 234 0.74 12.32 5.01
N ASP B 235 -0.02 11.69 5.95
CA ASP B 235 0.58 11.18 7.18
C ASP B 235 1.61 10.11 6.78
N PRO B 236 2.89 10.20 7.26
CA PRO B 236 3.90 9.21 6.85
C PRO B 236 3.79 7.84 7.52
N ARG B 237 3.11 7.75 8.68
CA ARG B 237 2.97 6.49 9.44
C ARG B 237 2.06 5.53 8.69
N ASP B 238 2.53 4.29 8.50
CA ASP B 238 1.88 3.23 7.73
C ASP B 238 0.44 3.02 8.09
N LYS B 239 0.14 3.04 9.40
CA LYS B 239 -1.18 2.85 9.99
C LYS B 239 -2.14 3.97 9.52
N PHE B 240 -1.63 5.19 9.35
CA PHE B 240 -2.45 6.37 9.03
C PHE B 240 -2.29 6.91 7.63
N ALA B 241 -1.28 6.42 6.89
CA ALA B 241 -0.97 6.89 5.53
C ALA B 241 -2.17 6.94 4.55
N PRO B 242 -3.08 5.94 4.50
CA PRO B 242 -4.21 6.05 3.54
C PRO B 242 -5.29 7.08 3.89
N ASP B 243 -5.41 7.42 5.17
CA ASP B 243 -6.52 8.22 5.71
C ASP B 243 -6.25 9.59 6.25
N ASN B 244 -5.09 9.80 6.86
CA ASN B 244 -4.84 11.07 7.54
C ASN B 244 -4.00 12.06 6.80
N LEU B 245 -4.41 13.34 6.92
CA LEU B 245 -3.65 14.45 6.42
C LEU B 245 -2.95 15.03 7.65
N VAL B 246 -1.79 15.67 7.42
CA VAL B 246 -1.11 16.42 8.47
C VAL B 246 -1.29 17.86 8.04
N ILE B 247 -1.83 18.69 8.93
CA ILE B 247 -2.04 20.11 8.66
C ILE B 247 -0.73 20.86 8.94
N GLU B 248 -0.28 21.67 7.97
CA GLU B 248 1.00 22.40 8.07
C GLU B 248 0.86 23.86 8.48
N GLU B 249 -0.38 24.39 8.45
CA GLU B 249 -0.68 25.81 8.67
C GLU B 249 -1.95 25.97 9.46
N ASP B 250 -1.93 26.77 10.55
CA ASP B 250 -3.14 27.05 11.32
C ASP B 250 -4.16 27.77 10.44
N GLY B 251 -5.43 27.61 10.77
CA GLY B 251 -6.46 28.38 10.11
C GLY B 251 -7.86 27.86 10.25
N ILE B 252 -8.79 28.62 9.66
CA ILE B 252 -10.18 28.22 9.51
C ILE B 252 -10.19 27.59 8.12
N TYR B 253 -10.62 26.33 8.05
CA TYR B 253 -10.67 25.60 6.79
C TYR B 253 -12.10 25.29 6.45
N ARG B 254 -12.36 25.14 5.16
CA ARG B 254 -13.66 24.74 4.69
C ARG B 254 -13.50 23.30 4.18
N ILE B 255 -14.36 22.41 4.64
CA ILE B 255 -14.41 21.03 4.18
C ILE B 255 -15.72 20.82 3.40
N ASP B 256 -15.62 20.39 2.13
CA ASP B 256 -16.79 20.05 1.30
C ASP B 256 -16.71 18.55 1.07
N ILE B 257 -17.83 17.85 1.19
CA ILE B 257 -17.90 16.43 0.85
C ILE B 257 -19.18 16.21 0.06
N SER B 258 -19.18 15.21 -0.81
CA SER B 258 -20.35 14.79 -1.59
C SER B 258 -20.10 13.37 -2.06
N GLY B 259 -21.18 12.66 -2.27
CA GLY B 259 -21.12 11.27 -2.72
C GLY B 259 -22.42 10.61 -2.41
N SER B 260 -22.41 9.30 -2.44
CA SER B 260 -23.61 8.55 -2.14
C SER B 260 -23.28 7.27 -1.41
N ILE B 261 -24.27 6.73 -0.70
CA ILE B 261 -24.14 5.43 -0.07
C ILE B 261 -24.92 4.50 -1.01
N ASN B 262 -24.21 3.55 -1.64
CA ASN B 262 -24.79 2.60 -2.59
C ASN B 262 -24.97 1.23 -1.92
N ILE B 263 -26.04 0.49 -2.31
CA ILE B 263 -26.42 -0.83 -1.73
C ILE B 263 -26.63 -0.63 -0.20
N ALA B 264 -27.27 0.49 0.15
CA ALA B 264 -27.56 0.91 1.52
C ALA B 264 -28.51 -0.09 2.14
N ASN B 265 -28.22 -0.51 3.35
CA ASN B 265 -29.07 -1.49 4.02
C ASN B 265 -30.29 -0.82 4.71
N TYR B 266 -31.36 -1.59 4.91
CA TYR B 266 -32.62 -1.19 5.56
C TYR B 266 -33.45 -2.41 5.87
N THR B 267 -34.40 -2.26 6.81
CA THR B 267 -35.30 -3.36 7.16
C THR B 267 -36.46 -3.32 6.15
N PHE B 268 -36.57 -4.39 5.36
CA PHE B 268 -37.57 -4.53 4.31
C PHE B 268 -39.00 -4.48 4.85
N PRO B 269 -39.90 -3.77 4.13
CA PRO B 269 -41.31 -3.72 4.52
C PRO B 269 -41.90 -5.13 4.53
N ALA B 270 -42.41 -5.53 5.69
CA ALA B 270 -43.03 -6.82 5.95
C ALA B 270 -44.35 -6.59 6.69
N SER B 271 -45.26 -7.60 6.71
CA SER B 271 -46.54 -7.51 7.43
C SER B 271 -46.34 -7.26 8.94
N GLY B 272 -45.23 -7.76 9.49
CA GLY B 272 -44.85 -7.61 10.90
C GLY B 272 -44.48 -6.20 11.31
N ASN B 273 -44.01 -5.35 10.35
CA ASN B 273 -43.64 -3.96 10.59
C ASN B 273 -44.63 -2.95 9.94
N SER B 274 -45.81 -3.46 9.52
CA SER B 274 -46.91 -2.73 8.85
C SER B 274 -46.49 -2.17 7.48
N TRP B 275 -45.77 -3.01 6.70
CA TRP B 275 -45.23 -2.70 5.36
C TRP B 275 -44.49 -1.35 5.34
N ARG B 276 -43.53 -1.21 6.26
CA ARG B 276 -42.71 -0.02 6.48
C ARG B 276 -41.20 -0.28 6.39
N VAL B 277 -40.48 0.67 5.76
CA VAL B 277 -39.02 0.64 5.64
C VAL B 277 -38.46 0.96 7.02
N GLY B 278 -37.57 0.10 7.50
CA GLY B 278 -36.85 0.34 8.75
C GLY B 278 -35.50 0.92 8.41
N GLY B 279 -35.39 2.24 8.55
CA GLY B 279 -34.17 3.01 8.28
C GLY B 279 -33.06 2.67 9.24
N ARG B 280 -31.82 2.85 8.78
CA ARG B 280 -30.62 2.56 9.54
C ARG B 280 -29.79 3.81 9.65
N TYR B 281 -29.40 4.18 10.87
CA TYR B 281 -28.64 5.39 11.12
C TYR B 281 -27.19 5.28 10.71
N PHE B 282 -26.69 6.34 10.09
CA PHE B 282 -25.26 6.46 9.76
C PHE B 282 -24.87 7.93 9.87
N GLN B 283 -23.58 8.16 10.08
CA GLN B 283 -23.06 9.51 10.06
C GLN B 283 -21.69 9.57 9.48
N ILE B 284 -21.42 10.67 8.77
CA ILE B 284 -20.11 11.00 8.23
C ILE B 284 -19.61 12.18 9.05
N VAL B 285 -18.43 12.03 9.64
CA VAL B 285 -17.86 13.04 10.51
C VAL B 285 -16.47 13.43 10.05
N CYS B 286 -16.06 14.67 10.32
CA CYS B 286 -14.67 15.05 10.09
C CYS B 286 -14.04 15.09 11.48
N ALA B 287 -12.74 14.82 11.57
CA ALA B 287 -12.07 14.75 12.86
C ALA B 287 -10.73 15.40 12.81
N ARG B 288 -10.29 15.91 13.95
CA ARG B 288 -8.95 16.44 14.13
C ARG B 288 -8.37 15.77 15.37
N ASN B 289 -7.07 15.51 15.36
CA ASN B 289 -6.40 14.89 16.50
C ASN B 289 -5.00 15.48 16.59
N SER B 290 -4.64 16.00 17.78
CA SER B 290 -3.30 16.58 18.02
C SER B 290 -2.49 15.86 19.11
N SER B 291 -2.83 14.60 19.44
CA SER B 291 -2.11 13.84 20.47
C SER B 291 -0.63 13.60 20.09
N ALA B 292 -0.35 13.37 18.80
CA ALA B 292 1.04 13.20 18.35
C ALA B 292 1.69 14.54 17.99
N ASN B 293 2.80 14.86 18.65
CA ASN B 293 3.54 16.07 18.36
C ASN B 293 4.52 15.80 17.20
N ASN B 294 5.09 16.88 16.61
CA ASN B 294 6.14 16.82 15.58
C ASN B 294 5.76 16.17 14.25
N LEU B 295 4.47 16.15 13.91
CA LEU B 295 4.05 15.59 12.62
C LEU B 295 4.27 16.62 11.49
N ALA B 296 4.25 17.95 11.83
CA ALA B 296 4.47 19.02 10.85
C ALA B 296 5.86 18.87 10.18
N GLU B 297 6.02 19.43 8.95
CA GLU B 297 7.27 19.41 8.20
C GLU B 297 8.47 19.76 9.10
N PHE B 298 9.59 19.01 8.94
CA PHE B 298 10.87 19.14 9.69
C PHE B 298 10.74 18.69 11.15
N GLY B 299 9.62 18.07 11.50
CA GLY B 299 9.31 17.68 12.87
C GLY B 299 9.07 18.89 13.75
N ALA B 300 8.60 20.01 13.15
CA ALA B 300 8.33 21.26 13.89
C ALA B 300 7.32 21.06 14.99
N GLU B 301 7.45 21.83 16.07
CA GLU B 301 6.53 21.79 17.21
C GLU B 301 5.11 22.12 16.71
N GLN B 302 4.12 21.35 17.19
CA GLN B 302 2.72 21.59 16.84
C GLN B 302 2.26 22.89 17.47
N HIS B 303 1.26 23.54 16.85
CA HIS B 303 0.70 24.75 17.43
C HIS B 303 -0.42 24.26 18.30
N LEU B 304 -0.34 24.55 19.59
CA LEU B 304 -1.35 24.07 20.53
C LEU B 304 -2.71 24.74 20.36
N PRO B 305 -3.80 23.94 20.27
CA PRO B 305 -5.13 24.54 20.06
C PRO B 305 -5.66 25.19 21.35
N PRO B 306 -6.66 26.12 21.29
CA PRO B 306 -7.19 26.71 22.54
C PRO B 306 -7.96 25.67 23.35
N SER B 307 -8.10 25.91 24.67
CA SER B 307 -8.83 25.02 25.57
C SER B 307 -10.29 24.82 25.07
N GLY B 308 -10.75 23.58 25.07
CA GLY B 308 -12.10 23.24 24.62
C GLY B 308 -12.27 23.02 23.12
N VAL B 309 -11.14 22.94 22.37
CA VAL B 309 -11.16 22.72 20.91
C VAL B 309 -11.96 21.47 20.52
N TRP B 310 -12.68 21.52 19.39
CA TRP B 310 -13.45 20.38 18.87
C TRP B 310 -12.46 19.26 18.45
N THR B 311 -12.96 18.02 18.34
CA THR B 311 -12.18 16.87 17.85
C THR B 311 -12.99 16.12 16.78
N ARG B 312 -14.33 16.16 16.86
CA ARG B 312 -15.20 15.48 15.90
C ARG B 312 -16.37 16.37 15.55
N ARG B 313 -16.74 16.38 14.27
CA ARG B 313 -17.87 17.17 13.82
C ARG B 313 -18.70 16.40 12.81
N VAL B 314 -20.01 16.29 13.07
CA VAL B 314 -20.95 15.59 12.18
C VAL B 314 -21.17 16.43 10.93
N LEU B 315 -20.93 15.83 9.76
CA LEU B 315 -21.15 16.49 8.47
C LEU B 315 -22.49 16.07 7.89
N VAL B 316 -22.83 14.77 8.03
CA VAL B 316 -24.04 14.14 7.53
C VAL B 316 -24.47 13.17 8.60
N GLY B 317 -25.71 13.29 9.07
CA GLY B 317 -26.28 12.39 10.07
C GLY B 317 -27.72 12.14 9.73
N GLU B 318 -28.04 10.91 9.28
CA GLU B 318 -29.42 10.55 8.90
C GLU B 318 -29.62 9.04 8.79
N TYR B 319 -30.82 8.62 8.38
CA TYR B 319 -31.14 7.21 8.22
C TYR B 319 -31.14 6.84 6.74
N THR B 320 -30.88 5.56 6.43
CA THR B 320 -31.04 5.03 5.08
C THR B 320 -32.55 5.11 4.80
N ALA B 321 -32.93 5.41 3.56
CA ALA B 321 -34.33 5.65 3.22
C ALA B 321 -35.06 4.55 2.47
N GLY B 322 -34.44 3.39 2.32
CA GLY B 322 -35.10 2.29 1.60
C GLY B 322 -34.82 2.29 0.11
N MET B 323 -33.91 3.13 -0.35
CA MET B 323 -33.48 3.21 -1.74
C MET B 323 -32.13 2.47 -1.90
N THR B 324 -31.82 2.02 -3.12
CA THR B 324 -30.56 1.32 -3.40
C THR B 324 -29.39 2.28 -3.16
N GLU B 325 -29.55 3.53 -3.63
CA GLU B 325 -28.52 4.56 -3.51
C GLU B 325 -29.09 5.88 -3.05
N GLN B 326 -28.42 6.49 -2.11
CA GLN B 326 -28.84 7.74 -1.48
C GLN B 326 -27.66 8.70 -1.47
N ALA B 327 -27.85 9.90 -2.06
CA ALA B 327 -26.81 10.94 -2.13
C ALA B 327 -26.77 11.80 -0.86
N PHE B 328 -25.63 12.42 -0.63
CA PHE B 328 -25.40 13.33 0.49
C PHE B 328 -24.41 14.40 0.03
N SER B 329 -24.37 15.48 0.78
CA SER B 329 -23.48 16.61 0.55
C SER B 329 -23.37 17.36 1.86
N SER B 330 -22.23 18.00 2.11
CA SER B 330 -22.05 18.79 3.32
C SER B 330 -20.89 19.74 3.15
N VAL B 331 -21.00 20.92 3.77
CA VAL B 331 -19.97 21.97 3.75
C VAL B 331 -19.90 22.50 5.19
N ALA B 332 -18.70 22.60 5.74
CA ALA B 332 -18.51 23.15 7.09
C ALA B 332 -17.20 23.89 7.15
N THR B 333 -17.12 24.87 8.05
CA THR B 333 -15.88 25.55 8.35
C THR B 333 -15.44 25.03 9.71
N ILE B 334 -14.15 24.70 9.81
CA ILE B 334 -13.55 24.10 11.01
C ILE B 334 -12.20 24.73 11.29
N SER B 335 -11.80 24.77 12.55
CA SER B 335 -10.47 25.28 12.89
C SER B 335 -9.51 24.09 12.83
N LEU B 336 -8.30 24.31 12.30
CA LEU B 336 -7.24 23.28 12.21
C LEU B 336 -5.92 23.92 12.58
N PHE B 337 -5.03 23.14 13.20
CA PHE B 337 -3.75 23.66 13.71
C PHE B 337 -2.56 22.92 13.13
N LYS B 338 -1.44 23.66 12.90
CA LYS B 338 -0.17 23.12 12.42
C LYS B 338 0.13 21.93 13.35
N GLY B 339 0.39 20.76 12.75
CA GLY B 339 0.69 19.53 13.47
C GLY B 339 -0.49 18.57 13.57
N ASP B 340 -1.73 19.08 13.42
CA ASP B 340 -2.94 18.25 13.55
C ASP B 340 -3.01 17.18 12.51
N ASN B 341 -3.62 16.06 12.88
CA ASN B 341 -4.07 15.07 11.93
C ASN B 341 -5.51 15.46 11.61
N PHE B 342 -5.93 15.33 10.34
CA PHE B 342 -7.30 15.59 9.91
C PHE B 342 -7.74 14.37 9.12
N PHE B 343 -8.97 13.89 9.37
CA PHE B 343 -9.49 12.72 8.68
C PHE B 343 -11.02 12.70 8.68
N LEU B 344 -11.59 11.82 7.84
CA LEU B 344 -13.04 11.63 7.68
C LEU B 344 -13.44 10.25 8.15
N GLN B 345 -14.54 10.16 8.90
N GLN B 345 -14.55 10.17 8.88
CA GLN B 345 -15.00 8.86 9.41
CA GLN B 345 -15.03 8.88 9.38
C GLN B 345 -16.45 8.56 9.04
C GLN B 345 -16.44 8.57 8.94
N PHE B 346 -16.75 7.27 8.77
CA PHE B 346 -18.09 6.76 8.47
C PHE B 346 -18.50 5.93 9.71
N GLU B 347 -19.64 6.24 10.32
CA GLU B 347 -20.09 5.51 11.51
C GLU B 347 -21.51 5.00 11.38
N THR B 348 -21.74 3.77 11.80
CA THR B 348 -23.05 3.10 11.78
C THR B 348 -23.07 1.96 12.79
N GLY B 349 -24.25 1.36 12.99
CA GLY B 349 -24.43 0.21 13.86
C GLY B 349 -23.83 -1.04 13.24
N THR B 350 -23.60 -2.08 14.04
CA THR B 350 -22.98 -3.33 13.54
C THR B 350 -23.92 -4.51 13.36
N ASN B 351 -25.21 -4.32 13.67
CA ASN B 351 -26.21 -5.39 13.53
C ASN B 351 -26.94 -5.22 12.21
N THR B 352 -26.54 -5.99 11.19
CA THR B 352 -27.09 -5.91 9.83
C THR B 352 -28.59 -6.22 9.71
N SER B 353 -29.16 -6.89 10.73
CA SER B 353 -30.59 -7.20 10.71
C SER B 353 -31.39 -6.20 11.56
N ARG B 354 -30.70 -5.19 12.15
CA ARG B 354 -31.36 -4.19 12.99
C ARG B 354 -30.95 -2.74 12.82
N ASP B 355 -29.68 -2.39 13.04
CA ASP B 355 -29.26 -0.98 13.09
C ASP B 355 -28.15 -0.57 12.11
N SER B 356 -27.63 -1.50 11.31
CA SER B 356 -26.53 -1.15 10.41
C SER B 356 -26.98 -0.62 9.07
N ALA B 357 -26.29 0.45 8.60
CA ALA B 357 -26.49 0.99 7.24
C ALA B 357 -25.80 0.09 6.20
N TYR B 358 -24.88 -0.82 6.64
CA TYR B 358 -24.25 -1.76 5.70
C TYR B 358 -24.93 -3.14 5.72
N ASN B 359 -24.81 -3.89 4.61
CA ASN B 359 -25.41 -5.21 4.45
C ASN B 359 -24.33 -6.31 4.71
N ASN B 360 -24.57 -7.54 4.22
CA ASN B 360 -23.65 -8.66 4.40
C ASN B 360 -22.89 -9.01 3.10
N GLY B 361 -23.01 -8.18 2.07
CA GLY B 361 -22.35 -8.44 0.80
C GLY B 361 -20.94 -7.87 0.72
N TYR B 362 -20.22 -8.25 -0.33
CA TYR B 362 -18.84 -7.82 -0.60
C TYR B 362 -18.73 -7.33 -2.02
N GLY B 363 -17.72 -6.51 -2.30
CA GLY B 363 -17.55 -5.93 -3.63
C GLY B 363 -18.76 -5.08 -3.99
N THR B 364 -19.20 -5.18 -5.25
CA THR B 364 -20.37 -4.42 -5.76
C THR B 364 -21.70 -4.87 -5.14
N SER B 365 -21.71 -6.05 -4.48
CA SER B 365 -22.90 -6.57 -3.79
C SER B 365 -22.96 -6.05 -2.35
N GLY B 366 -21.90 -5.38 -1.90
CA GLY B 366 -21.83 -4.84 -0.56
C GLY B 366 -21.99 -3.33 -0.54
N THR B 367 -22.47 -2.81 0.60
CA THR B 367 -22.64 -1.37 0.82
C THR B 367 -21.31 -0.64 0.65
N HIS B 368 -21.33 0.44 -0.13
CA HIS B 368 -20.13 1.21 -0.39
C HIS B 368 -20.41 2.67 -0.68
N LEU B 369 -19.38 3.51 -0.53
CA LEU B 369 -19.43 4.91 -0.92
C LEU B 369 -19.20 4.95 -2.43
N ARG B 370 -20.02 5.72 -3.13
CA ARG B 370 -19.90 5.85 -4.57
C ARG B 370 -19.84 7.32 -4.91
N ASN B 371 -19.03 7.69 -5.94
CA ASN B 371 -18.88 9.09 -6.39
C ASN B 371 -18.47 10.02 -5.28
N PHE B 372 -17.64 9.54 -4.37
CA PHE B 372 -17.22 10.32 -3.22
C PHE B 372 -16.07 11.24 -3.59
N SER B 373 -16.15 12.50 -3.14
CA SER B 373 -15.06 13.47 -3.31
C SER B 373 -15.12 14.51 -2.23
N TYR B 374 -14.01 15.24 -2.06
CA TYR B 374 -13.93 16.29 -1.06
C TYR B 374 -13.00 17.37 -1.57
N THR B 375 -13.12 18.53 -0.95
CA THR B 375 -12.21 19.64 -1.11
C THR B 375 -12.00 20.19 0.30
N LEU B 376 -10.73 20.44 0.64
CA LEU B 376 -10.33 21.09 1.87
C LEU B 376 -9.65 22.39 1.45
N GLU B 377 -10.11 23.51 2.01
CA GLU B 377 -9.62 24.83 1.61
C GLU B 377 -9.37 25.72 2.82
N ARG B 378 -8.24 26.45 2.82
CA ARG B 378 -7.94 27.41 3.90
C ARG B 378 -8.66 28.70 3.57
N VAL B 379 -9.56 29.14 4.46
CA VAL B 379 -10.41 30.31 4.25
C VAL B 379 -10.24 31.45 5.26
N GLY B 380 -9.50 31.19 6.34
CA GLY B 380 -9.26 32.19 7.38
C GLY B 380 -8.05 31.87 8.22
N ASP B 381 -7.49 32.87 8.89
CA ASP B 381 -6.33 32.65 9.75
C ASP B 381 -6.80 32.60 11.22
N LEU B 382 -5.89 32.27 12.14
CA LEU B 382 -6.19 32.20 13.56
C LEU B 382 -5.25 33.08 14.40
N ASN B 383 -4.82 34.20 13.82
CA ASN B 383 -3.95 35.19 14.48
C ASN B 383 -4.78 36.03 15.46
N GLY B 384 -4.10 36.56 16.48
CA GLY B 384 -4.71 37.41 17.49
C GLY B 384 -5.88 36.82 18.24
N THR B 385 -6.93 37.63 18.40
CA THR B 385 -8.17 37.27 19.10
C THR B 385 -8.94 36.08 18.49
N ALA B 386 -8.82 35.87 17.15
CA ALA B 386 -9.46 34.79 16.40
C ALA B 386 -9.09 33.43 16.96
N TYR B 387 -7.86 33.30 17.50
CA TYR B 387 -7.36 32.09 18.14
C TYR B 387 -8.33 31.56 19.21
N TYR B 388 -8.84 32.43 20.09
CA TYR B 388 -9.78 32.05 21.12
C TYR B 388 -11.24 32.09 20.65
N ASP B 389 -11.61 33.15 19.90
CA ASP B 389 -12.98 33.38 19.43
C ASP B 389 -13.47 32.41 18.35
N ASN B 390 -12.58 31.99 17.45
CA ASN B 390 -12.87 31.16 16.29
C ASN B 390 -12.16 29.79 16.32
N GLY B 391 -11.08 29.67 17.10
CA GLY B 391 -10.24 28.49 17.14
C GLY B 391 -10.75 27.22 17.81
N THR B 392 -11.80 27.31 18.65
CA THR B 392 -12.32 26.14 19.38
C THR B 392 -13.27 25.26 18.54
N PHE B 393 -13.70 25.74 17.35
CA PHE B 393 -14.63 24.99 16.48
C PHE B 393 -14.33 25.20 14.99
C1 NDG C . -18.88 -22.34 1.51
C2 NDG C . -18.22 -21.81 0.23
C3 NDG C . -16.80 -22.36 0.16
C4 NDG C . -16.02 -22.05 1.43
C5 NDG C . -16.81 -22.38 2.69
C6 NDG C . -16.18 -21.84 3.95
C7 NDG C . -19.39 -21.48 -1.92
C8 NDG C . -19.95 -22.18 -3.12
O5 NDG C . -18.13 -21.81 2.61
O3 NDG C . -16.17 -21.80 -0.99
O4 NDG C . -14.85 -22.86 1.46
O6 NDG C . -16.84 -22.34 5.10
O7 NDG C . -19.31 -20.25 -1.85
N2 NDG C . -19.00 -22.27 -0.92
O1 NDG C . -19.02 -23.52 1.54
C1 NAG D . -17.82 -18.35 7.92
C2 NAG D . -17.26 -18.65 9.30
C3 NAG D . -16.67 -17.37 9.91
C4 NAG D . -15.66 -16.75 8.95
C5 NAG D . -16.30 -16.48 7.59
C6 NAG D . -15.30 -16.03 6.54
C7 NAG D . -18.44 -20.37 10.62
C8 NAG D . -19.74 -20.73 11.26
N2 NAG D . -18.37 -19.12 10.12
O1 NAG D . -18.24 -19.50 7.27
O3 NAG D . -16.02 -17.67 11.14
O4 NAG D . -15.14 -15.55 9.51
O5 NAG D . -16.86 -17.70 7.07
O6 NAG D . -14.29 -17.01 6.34
O7 NAG D . -17.51 -21.17 10.55
ZN ZN E . 10.43 -31.94 5.72
ZN ZN F . -4.83 -28.08 -12.98
ZN ZN G . 10.21 -37.43 -21.56
C1 NAG H . -4.09 8.26 17.60
C2 NAG H . -2.76 8.88 17.13
C3 NAG H . -3.04 10.09 16.23
C4 NAG H . -4.03 9.76 15.13
C5 NAG H . -5.26 9.04 15.67
C6 NAG H . -6.20 8.54 14.60
C7 NAG H . -0.66 8.91 18.41
C8 NAG H . 0.03 9.45 19.63
N2 NAG H . -1.95 9.25 18.26
O1 NAG H . -3.84 7.14 18.34
O3 NAG H . -1.80 10.56 15.68
O4 NAG H . -4.47 10.97 14.52
O5 NAG H . -4.86 7.91 16.46
O6 NAG H . -7.46 8.15 15.13
O7 NAG H . -0.09 8.18 17.59
ZN ZN I . -13.61 31.20 -1.31
ZN ZN J . 7.97 45.20 9.01
ZN ZN K . 5.18 26.54 13.57
#